data_1CDR
#
_entry.id   1CDR
#
_cell.length_a   1.000
_cell.length_b   1.000
_cell.length_c   1.000
_cell.angle_alpha   90.00
_cell.angle_beta   90.00
_cell.angle_gamma   90.00
#
_symmetry.space_group_name_H-M   'P 1'
#
loop_
_entity.id
_entity.type
_entity.pdbx_description
1 polymer CD59
2 branched 2-acetamido-2-deoxy-beta-D-glucopyranose-(1-4)-[alpha-L-fucopyranose-(1-6)]2-acetamido-2-deoxy-beta-D-glucopyranose
#
_entity_poly.entity_id   1
_entity_poly.type   'polypeptide(L)'
_entity_poly.pdbx_seq_one_letter_code
;LQCYNCPNPTADCKTAVNCSSDFDACLITKAGLQVYNKCWKFEHCNFNDVTTRLRENELTYYCCKKDLCNFNEQLEN
;
_entity_poly.pdbx_strand_id   A
#
# COMPACT_ATOMS: atom_id res chain seq x y z
N LEU A 1 -11.40 -3.46 4.90
CA LEU A 1 -10.16 -4.29 4.93
C LEU A 1 -9.25 -3.81 6.08
N GLN A 2 -8.81 -4.72 6.90
CA GLN A 2 -7.91 -4.34 8.03
C GLN A 2 -6.46 -4.45 7.59
N CYS A 3 -5.76 -3.37 7.51
CA CYS A 3 -4.32 -3.44 7.08
C CYS A 3 -3.45 -2.56 7.98
N TYR A 4 -2.16 -2.73 7.88
CA TYR A 4 -1.24 -1.91 8.72
C TYR A 4 -1.08 -0.52 8.11
N ASN A 5 -1.35 0.50 8.87
CA ASN A 5 -1.22 1.89 8.34
C ASN A 5 -0.15 2.63 9.16
N CYS A 6 0.95 2.97 8.55
CA CYS A 6 2.03 3.69 9.31
C CYS A 6 1.95 5.19 9.02
N PRO A 7 2.39 5.97 9.97
CA PRO A 7 2.40 7.44 9.85
C PRO A 7 3.58 7.90 9.01
N ASN A 8 4.45 7.00 8.64
CA ASN A 8 5.63 7.39 7.82
C ASN A 8 6.04 6.22 6.92
N PRO A 9 6.83 6.52 5.93
CA PRO A 9 7.31 5.51 4.97
C PRO A 9 8.43 4.67 5.59
N THR A 10 8.07 3.70 6.37
CA THR A 10 9.10 2.83 7.02
C THR A 10 9.17 1.50 6.26
N ALA A 11 10.13 0.68 6.58
CA ALA A 11 10.25 -0.63 5.90
C ALA A 11 10.01 -1.76 6.89
N ASP A 12 9.11 -1.57 7.80
CA ASP A 12 8.83 -2.63 8.81
C ASP A 12 7.60 -2.23 9.64
N CYS A 13 6.58 -1.72 9.00
CA CYS A 13 5.36 -1.30 9.73
C CYS A 13 4.73 -2.52 10.41
N LYS A 14 4.28 -2.37 11.62
CA LYS A 14 3.65 -3.52 12.34
C LYS A 14 2.44 -3.01 13.13
N THR A 15 1.85 -1.94 12.70
CA THR A 15 0.66 -1.39 13.42
C THR A 15 -0.61 -1.77 12.66
N ALA A 16 -1.29 -2.79 13.10
CA ALA A 16 -2.54 -3.20 12.39
C ALA A 16 -3.67 -2.22 12.72
N VAL A 17 -4.38 -1.78 11.72
CA VAL A 17 -5.49 -0.82 11.95
C VAL A 17 -6.52 -0.92 10.81
N ASN A 18 -7.76 -0.69 11.10
CA ASN A 18 -8.80 -0.77 10.04
C ASN A 18 -8.49 0.26 8.95
N CYS A 19 -8.88 0.00 7.74
CA CYS A 19 -8.61 0.95 6.64
C CYS A 19 -9.68 2.04 6.63
N SER A 20 -9.31 3.26 6.36
CA SER A 20 -10.31 4.36 6.34
C SER A 20 -11.48 3.97 5.43
N SER A 21 -12.42 4.85 5.25
CA SER A 21 -13.60 4.52 4.39
C SER A 21 -13.20 4.64 2.92
N ASP A 22 -14.07 4.30 2.02
CA ASP A 22 -13.74 4.40 0.57
C ASP A 22 -12.44 3.64 0.30
N PHE A 23 -12.20 2.58 1.01
CA PHE A 23 -10.95 1.79 0.80
C PHE A 23 -11.30 0.30 0.80
N ASP A 24 -11.10 -0.37 -0.31
CA ASP A 24 -11.41 -1.82 -0.37
C ASP A 24 -10.20 -2.59 -0.87
N ALA A 25 -9.14 -1.92 -1.21
CA ALA A 25 -7.93 -2.62 -1.72
C ALA A 25 -6.70 -2.16 -0.93
N CYS A 26 -6.12 -3.02 -0.14
CA CYS A 26 -4.91 -2.61 0.63
C CYS A 26 -3.79 -2.33 -0.37
N LEU A 27 -2.96 -1.36 -0.10
CA LEU A 27 -1.88 -1.05 -1.08
C LEU A 27 -0.50 -1.18 -0.42
N ILE A 28 0.40 -1.85 -1.08
CA ILE A 28 1.78 -2.02 -0.55
C ILE A 28 2.76 -1.58 -1.63
N THR A 29 3.19 -0.35 -1.60
CA THR A 29 4.12 0.15 -2.64
C THR A 29 5.57 0.04 -2.15
N LYS A 30 6.50 -0.19 -3.04
CA LYS A 30 7.93 -0.31 -2.64
C LYS A 30 8.80 0.41 -3.67
N ALA A 31 9.15 1.64 -3.43
CA ALA A 31 9.99 2.39 -4.41
C ALA A 31 11.48 2.08 -4.17
N GLY A 32 11.82 0.84 -3.97
CA GLY A 32 13.24 0.49 -3.73
C GLY A 32 13.86 1.49 -2.76
N LEU A 33 13.36 1.56 -1.56
CA LEU A 33 13.93 2.53 -0.57
C LEU A 33 12.96 2.67 0.60
N GLN A 34 11.70 2.83 0.33
CA GLN A 34 10.71 2.96 1.43
C GLN A 34 9.47 2.12 1.13
N VAL A 35 9.03 1.32 2.06
CA VAL A 35 7.84 0.47 1.82
C VAL A 35 6.58 1.25 2.20
N TYR A 36 6.05 2.02 1.29
CA TYR A 36 4.83 2.82 1.59
C TYR A 36 3.72 1.89 2.08
N ASN A 37 2.86 2.39 2.92
CA ASN A 37 1.75 1.55 3.44
C ASN A 37 0.50 2.42 3.58
N LYS A 38 -0.47 2.22 2.73
CA LYS A 38 -1.70 3.04 2.80
C LYS A 38 -2.89 2.28 2.23
N CYS A 39 -4.08 2.69 2.59
CA CYS A 39 -5.30 2.01 2.05
C CYS A 39 -5.57 2.59 0.67
N TRP A 40 -5.73 1.77 -0.32
CA TRP A 40 -5.95 2.31 -1.68
C TRP A 40 -7.18 1.66 -2.31
N LYS A 41 -7.71 2.25 -3.35
CA LYS A 41 -8.91 1.67 -4.02
C LYS A 41 -8.47 0.63 -5.05
N PHE A 42 -9.36 -0.24 -5.44
CA PHE A 42 -9.01 -1.28 -6.43
C PHE A 42 -9.07 -0.67 -7.83
N GLU A 43 -9.80 0.40 -7.99
CA GLU A 43 -9.91 1.03 -9.33
C GLU A 43 -8.76 2.04 -9.49
N HIS A 44 -8.26 2.55 -8.40
CA HIS A 44 -7.14 3.53 -8.50
C HIS A 44 -5.81 2.79 -8.37
N CYS A 45 -5.84 1.48 -8.32
CA CYS A 45 -4.58 0.71 -8.18
C CYS A 45 -4.06 0.34 -9.58
N ASN A 46 -3.78 1.32 -10.39
CA ASN A 46 -3.26 1.02 -11.76
C ASN A 46 -1.87 1.64 -11.92
N PHE A 47 -1.33 1.63 -13.10
CA PHE A 47 0.02 2.22 -13.31
C PHE A 47 -0.12 3.69 -13.69
N ASN A 48 -0.78 4.46 -12.86
CA ASN A 48 -0.96 5.91 -13.17
C ASN A 48 -1.76 6.58 -12.05
N ASP A 49 -2.68 5.86 -11.46
CA ASP A 49 -3.50 6.45 -10.37
C ASP A 49 -2.71 6.46 -9.06
N VAL A 50 -1.67 5.68 -8.97
CA VAL A 50 -0.86 5.64 -7.73
C VAL A 50 0.40 6.48 -7.90
N THR A 51 1.08 6.34 -9.00
CA THR A 51 2.32 7.12 -9.23
C THR A 51 1.96 8.61 -9.34
N THR A 52 0.69 8.93 -9.43
CA THR A 52 0.29 10.35 -9.54
C THR A 52 -0.18 10.86 -8.18
N ARG A 53 -0.98 10.09 -7.48
CA ARG A 53 -1.46 10.53 -6.15
C ARG A 53 -0.26 10.74 -5.22
N LEU A 54 0.66 9.82 -5.24
CA LEU A 54 1.85 9.94 -4.36
C LEU A 54 2.84 10.93 -4.99
N ARG A 55 2.61 11.30 -6.22
CA ARG A 55 3.54 12.25 -6.89
C ARG A 55 4.88 11.56 -7.14
N GLU A 56 4.86 10.29 -7.37
CA GLU A 56 6.14 9.55 -7.62
C GLU A 56 6.05 8.84 -8.97
N ASN A 57 6.84 7.81 -9.16
CA ASN A 57 6.80 7.08 -10.46
C ASN A 57 7.44 5.72 -10.30
N GLU A 58 8.75 5.65 -10.23
CA GLU A 58 9.43 4.34 -10.08
C GLU A 58 8.96 3.66 -8.80
N LEU A 59 8.08 2.69 -8.90
CA LEU A 59 7.59 1.99 -7.69
C LEU A 59 6.74 0.78 -8.11
N THR A 60 6.54 -0.15 -7.21
CA THR A 60 5.72 -1.34 -7.55
C THR A 60 4.54 -1.45 -6.58
N TYR A 61 3.45 -0.79 -6.88
CA TYR A 61 2.27 -0.85 -5.97
C TYR A 61 1.56 -2.19 -6.13
N TYR A 62 1.26 -2.85 -5.03
CA TYR A 62 0.57 -4.16 -5.11
C TYR A 62 -0.72 -4.10 -4.28
N CYS A 63 -1.85 -4.06 -4.93
CA CYS A 63 -3.14 -4.01 -4.17
C CYS A 63 -3.53 -5.41 -3.71
N CYS A 64 -4.29 -5.51 -2.66
CA CYS A 64 -4.72 -6.85 -2.17
C CYS A 64 -6.13 -6.76 -1.59
N LYS A 65 -6.72 -7.88 -1.24
CA LYS A 65 -8.10 -7.85 -0.67
C LYS A 65 -8.18 -8.80 0.52
N LYS A 66 -7.15 -8.86 1.33
CA LYS A 66 -7.20 -9.78 2.51
C LYS A 66 -6.86 -8.99 3.78
N ASP A 67 -7.60 -9.21 4.83
CA ASP A 67 -7.33 -8.49 6.11
C ASP A 67 -5.84 -8.51 6.39
N LEU A 68 -5.15 -7.44 6.06
CA LEU A 68 -3.69 -7.37 6.30
C LEU A 68 -2.94 -8.15 5.20
N CYS A 69 -2.95 -7.64 4.01
CA CYS A 69 -2.24 -8.34 2.89
C CYS A 69 -1.23 -7.37 2.27
N ASN A 70 -1.02 -6.23 2.90
CA ASN A 70 -0.05 -5.25 2.35
C ASN A 70 1.27 -5.33 3.14
N PHE A 71 1.37 -6.26 4.05
CA PHE A 71 2.62 -6.39 4.84
C PHE A 71 3.82 -6.45 3.90
N ASN A 72 5.00 -6.57 4.44
CA ASN A 72 6.21 -6.63 3.57
C ASN A 72 6.49 -8.10 3.22
N GLU A 73 5.60 -8.71 2.49
CA GLU A 73 5.80 -10.14 2.11
C GLU A 73 4.97 -10.45 0.86
N GLN A 74 5.10 -9.65 -0.17
CA GLN A 74 4.32 -9.91 -1.41
C GLN A 74 4.98 -9.18 -2.59
N LEU A 75 6.26 -8.96 -2.52
CA LEU A 75 6.94 -8.26 -3.65
C LEU A 75 8.38 -8.80 -3.77
N GLU A 76 8.63 -9.97 -3.25
CA GLU A 76 10.00 -10.55 -3.35
C GLU A 76 9.95 -11.87 -4.11
N ASN A 77 9.98 -11.81 -5.41
CA ASN A 77 9.93 -13.07 -6.21
C ASN A 77 11.36 -13.63 -6.37
N LEU A 1 -11.43 -5.46 5.73
CA LEU A 1 -10.18 -5.21 4.97
C LEU A 1 -9.19 -4.44 5.87
N GLN A 2 -8.64 -5.10 6.85
CA GLN A 2 -7.67 -4.41 7.75
C GLN A 2 -6.38 -4.11 6.99
N CYS A 3 -5.60 -3.20 7.47
CA CYS A 3 -4.33 -2.86 6.78
C CYS A 3 -3.36 -2.21 7.78
N TYR A 4 -2.10 -2.18 7.46
CA TYR A 4 -1.12 -1.57 8.40
C TYR A 4 -1.02 -0.07 8.13
N ASN A 5 -1.77 0.72 8.84
CA ASN A 5 -1.72 2.20 8.62
C ASN A 5 -0.26 2.66 8.66
N CYS A 6 0.08 3.64 7.88
CA CYS A 6 1.48 4.14 7.86
C CYS A 6 1.64 5.14 6.73
N PRO A 7 1.45 6.40 7.05
CA PRO A 7 1.56 7.49 6.07
C PRO A 7 3.04 7.80 5.78
N ASN A 8 3.93 7.20 6.52
CA ASN A 8 5.38 7.45 6.28
C ASN A 8 5.96 6.29 5.47
N PRO A 9 7.01 6.57 4.75
CA PRO A 9 7.69 5.57 3.91
C PRO A 9 8.53 4.63 4.78
N THR A 10 7.90 3.67 5.39
CA THR A 10 8.65 2.72 6.26
C THR A 10 8.54 1.31 5.67
N ALA A 11 9.43 0.43 6.04
CA ALA A 11 9.38 -0.96 5.52
C ALA A 11 9.20 -1.94 6.67
N ASP A 12 8.48 -1.56 7.69
CA ASP A 12 8.28 -2.47 8.86
C ASP A 12 7.15 -1.93 9.73
N CYS A 13 6.15 -1.33 9.14
CA CYS A 13 5.02 -0.81 9.94
C CYS A 13 4.38 -1.95 10.73
N LYS A 14 4.15 -1.76 11.99
CA LYS A 14 3.52 -2.84 12.81
C LYS A 14 2.27 -2.31 13.49
N THR A 15 1.42 -1.62 12.77
CA THR A 15 0.18 -1.08 13.38
C THR A 15 -1.02 -1.44 12.50
N ALA A 16 -1.65 -2.54 12.77
CA ALA A 16 -2.83 -2.94 11.96
C ALA A 16 -4.02 -2.04 12.29
N VAL A 17 -5.01 -2.00 11.44
CA VAL A 17 -6.20 -1.14 11.71
C VAL A 17 -7.18 -1.23 10.54
N ASN A 18 -8.45 -1.32 10.82
CA ASN A 18 -9.44 -1.41 9.72
C ASN A 18 -9.36 -0.15 8.86
N CYS A 19 -9.08 -0.30 7.60
CA CYS A 19 -8.98 0.89 6.71
C CYS A 19 -10.16 1.82 6.99
N SER A 20 -11.33 1.46 6.52
CA SER A 20 -12.53 2.32 6.75
C SER A 20 -12.33 3.66 6.05
N SER A 21 -13.40 4.34 5.75
CA SER A 21 -13.30 5.66 5.07
C SER A 21 -13.07 5.46 3.57
N ASP A 22 -13.89 4.67 2.94
CA ASP A 22 -13.74 4.42 1.48
C ASP A 22 -12.40 3.72 1.21
N PHE A 23 -12.36 2.42 1.39
CA PHE A 23 -11.09 1.68 1.14
C PHE A 23 -11.42 0.18 0.98
N ASP A 24 -11.05 -0.41 -0.13
CA ASP A 24 -11.37 -1.85 -0.33
C ASP A 24 -10.17 -2.56 -0.98
N ALA A 25 -8.99 -2.01 -0.88
CA ALA A 25 -7.82 -2.69 -1.50
C ALA A 25 -6.54 -2.27 -0.79
N CYS A 26 -6.00 -3.11 0.05
CA CYS A 26 -4.74 -2.73 0.76
C CYS A 26 -3.72 -2.36 -0.29
N LEU A 27 -2.73 -1.60 0.06
CA LEU A 27 -1.72 -1.18 -0.96
C LEU A 27 -0.31 -1.28 -0.41
N ILE A 28 0.55 -1.95 -1.11
CA ILE A 28 1.96 -2.07 -0.68
C ILE A 28 2.85 -1.56 -1.82
N THR A 29 3.31 -0.35 -1.73
CA THR A 29 4.15 0.21 -2.82
C THR A 29 5.60 0.34 -2.36
N LYS A 30 6.50 -0.36 -3.00
CA LYS A 30 7.93 -0.27 -2.60
C LYS A 30 8.71 0.47 -3.70
N ALA A 31 9.42 1.50 -3.34
CA ALA A 31 10.19 2.26 -4.37
C ALA A 31 11.69 1.96 -4.23
N GLY A 32 12.04 0.71 -4.11
CA GLY A 32 13.48 0.35 -3.97
C GLY A 32 14.14 1.28 -2.96
N LEU A 33 13.48 1.55 -1.86
CA LEU A 33 14.07 2.44 -0.83
C LEU A 33 13.19 2.43 0.42
N GLN A 34 11.90 2.39 0.26
CA GLN A 34 11.00 2.37 1.44
C GLN A 34 9.63 1.83 1.03
N VAL A 35 9.11 0.87 1.75
CA VAL A 35 7.78 0.31 1.40
C VAL A 35 6.70 1.34 1.69
N TYR A 36 5.52 1.15 1.17
CA TYR A 36 4.42 2.13 1.42
C TYR A 36 3.16 1.38 1.84
N ASN A 37 3.02 1.11 3.11
CA ASN A 37 1.81 0.38 3.59
C ASN A 37 0.67 1.39 3.80
N LYS A 38 -0.34 1.34 2.98
CA LYS A 38 -1.46 2.30 3.14
C LYS A 38 -2.72 1.73 2.48
N CYS A 39 -3.87 2.13 2.95
CA CYS A 39 -5.14 1.62 2.35
C CYS A 39 -5.35 2.28 0.99
N TRP A 40 -5.74 1.53 0.00
CA TRP A 40 -5.95 2.11 -1.34
C TRP A 40 -7.15 1.44 -2.02
N LYS A 41 -7.68 2.06 -3.05
CA LYS A 41 -8.85 1.45 -3.75
C LYS A 41 -8.36 0.57 -4.89
N PHE A 42 -9.20 -0.30 -5.40
CA PHE A 42 -8.79 -1.19 -6.52
C PHE A 42 -8.87 -0.40 -7.83
N GLU A 43 -9.68 0.62 -7.86
CA GLU A 43 -9.81 1.42 -9.10
C GLU A 43 -8.62 2.39 -9.20
N HIS A 44 -8.17 2.89 -8.08
CA HIS A 44 -7.02 3.83 -8.10
C HIS A 44 -5.72 3.03 -7.96
N CYS A 45 -5.79 1.74 -8.08
CA CYS A 45 -4.56 0.91 -7.94
C CYS A 45 -4.02 0.57 -9.34
N ASN A 46 -3.56 1.56 -10.06
CA ASN A 46 -3.02 1.28 -11.43
C ASN A 46 -1.69 2.01 -11.60
N PHE A 47 -1.14 1.97 -12.79
CA PHE A 47 0.17 2.66 -13.02
C PHE A 47 -0.09 4.12 -13.41
N ASN A 48 -0.77 4.86 -12.57
CA ASN A 48 -1.05 6.28 -12.89
C ASN A 48 -1.80 6.93 -11.73
N ASP A 49 -2.63 6.17 -11.05
CA ASP A 49 -3.39 6.75 -9.92
C ASP A 49 -2.50 6.80 -8.67
N VAL A 50 -1.73 5.77 -8.44
CA VAL A 50 -0.84 5.77 -7.25
C VAL A 50 0.45 6.52 -7.57
N THR A 51 0.98 6.34 -8.75
CA THR A 51 2.24 7.05 -9.12
C THR A 51 2.01 8.55 -9.09
N THR A 52 0.78 8.98 -9.01
CA THR A 52 0.49 10.44 -8.99
C THR A 52 0.14 10.86 -7.56
N ARG A 53 -0.65 10.09 -6.87
CA ARG A 53 -1.02 10.44 -5.47
C ARG A 53 0.26 10.56 -4.64
N LEU A 54 1.20 9.69 -4.85
CA LEU A 54 2.47 9.75 -4.09
C LEU A 54 3.39 10.79 -4.71
N ARG A 55 3.07 11.24 -5.90
CA ARG A 55 3.92 12.26 -6.57
C ARG A 55 5.26 11.63 -6.96
N GLU A 56 5.25 10.38 -7.32
CA GLU A 56 6.52 9.70 -7.73
C GLU A 56 6.30 8.95 -9.05
N ASN A 57 7.26 8.15 -9.44
CA ASN A 57 7.10 7.40 -10.71
C ASN A 57 7.66 5.98 -10.54
N GLU A 58 8.92 5.87 -10.20
CA GLU A 58 9.53 4.52 -10.01
C GLU A 58 9.02 3.91 -8.71
N LEU A 59 8.10 2.98 -8.78
CA LEU A 59 7.57 2.35 -7.54
C LEU A 59 6.59 1.24 -7.91
N THR A 60 6.80 0.06 -7.40
CA THR A 60 5.87 -1.07 -7.71
C THR A 60 4.70 -1.04 -6.72
N TYR A 61 3.49 -1.09 -7.22
CA TYR A 61 2.31 -1.05 -6.30
C TYR A 61 1.55 -2.38 -6.38
N TYR A 62 1.19 -2.93 -5.25
CA TYR A 62 0.43 -4.22 -5.28
C TYR A 62 -0.78 -4.12 -4.35
N CYS A 63 -1.97 -4.16 -4.89
CA CYS A 63 -3.19 -4.06 -4.04
C CYS A 63 -3.58 -5.46 -3.56
N CYS A 64 -4.28 -5.54 -2.45
CA CYS A 64 -4.70 -6.87 -1.92
C CYS A 64 -6.12 -6.78 -1.38
N LYS A 65 -6.81 -7.89 -1.32
CA LYS A 65 -8.20 -7.86 -0.79
C LYS A 65 -8.30 -8.76 0.44
N LYS A 66 -7.23 -8.88 1.18
CA LYS A 66 -7.25 -9.76 2.39
C LYS A 66 -6.99 -8.90 3.64
N ASP A 67 -7.27 -9.44 4.80
CA ASP A 67 -7.04 -8.66 6.04
C ASP A 67 -5.54 -8.62 6.35
N LEU A 68 -4.93 -7.46 6.23
CA LEU A 68 -3.49 -7.34 6.50
C LEU A 68 -2.69 -8.07 5.43
N CYS A 69 -2.78 -7.62 4.21
CA CYS A 69 -2.04 -8.30 3.10
C CYS A 69 -0.68 -7.61 2.93
N ASN A 70 -0.65 -6.31 2.97
CA ASN A 70 0.65 -5.58 2.81
C ASN A 70 1.44 -5.64 4.12
N PHE A 71 2.18 -6.69 4.34
CA PHE A 71 2.96 -6.80 5.60
C PHE A 71 4.43 -7.08 5.26
N ASN A 72 4.92 -6.54 4.18
CA ASN A 72 6.34 -6.79 3.80
C ASN A 72 6.54 -8.26 3.46
N GLU A 73 5.90 -8.74 2.43
CA GLU A 73 6.06 -10.17 2.05
C GLU A 73 5.20 -10.49 0.83
N GLN A 74 5.19 -9.62 -0.15
CA GLN A 74 4.37 -9.87 -1.36
C GLN A 74 5.05 -9.23 -2.58
N LEU A 75 6.30 -8.88 -2.46
CA LEU A 75 7.02 -8.25 -3.60
C LEU A 75 8.52 -8.52 -3.45
N GLU A 76 8.87 -9.54 -2.71
CA GLU A 76 10.31 -9.86 -2.53
C GLU A 76 10.93 -10.26 -3.87
N ASN A 77 12.11 -9.79 -4.15
CA ASN A 77 12.76 -10.13 -5.45
C ASN A 77 14.14 -10.74 -5.18
N LEU A 1 -11.95 -4.24 5.71
CA LEU A 1 -10.59 -4.63 5.23
C LEU A 1 -9.52 -3.92 6.08
N GLN A 2 -8.80 -4.67 6.87
CA GLN A 2 -7.74 -4.05 7.72
C GLN A 2 -6.45 -3.90 6.91
N CYS A 3 -5.56 -3.07 7.37
CA CYS A 3 -4.29 -2.88 6.63
C CYS A 3 -3.23 -2.27 7.57
N TYR A 4 -1.99 -2.25 7.15
CA TYR A 4 -0.93 -1.67 8.02
C TYR A 4 -0.80 -0.18 7.74
N ASN A 5 -1.45 0.64 8.52
CA ASN A 5 -1.36 2.12 8.29
C ASN A 5 -0.20 2.70 9.10
N CYS A 6 0.59 3.56 8.49
CA CYS A 6 1.74 4.16 9.23
C CYS A 6 1.87 5.63 8.83
N PRO A 7 2.30 6.44 9.77
CA PRO A 7 2.49 7.88 9.57
C PRO A 7 3.78 8.17 8.80
N ASN A 8 4.59 7.17 8.56
CA ASN A 8 5.86 7.39 7.82
C ASN A 8 6.15 6.20 6.91
N PRO A 9 6.90 6.46 5.87
CA PRO A 9 7.27 5.43 4.89
C PRO A 9 8.40 4.55 5.45
N THR A 10 8.04 3.60 6.25
CA THR A 10 9.06 2.69 6.84
C THR A 10 9.00 1.33 6.12
N ALA A 11 9.89 0.43 6.46
CA ALA A 11 9.89 -0.90 5.82
C ALA A 11 9.61 -1.98 6.86
N ASP A 12 8.74 -1.71 7.79
CA ASP A 12 8.41 -2.71 8.84
C ASP A 12 7.38 -2.12 9.80
N CYS A 13 6.32 -1.56 9.28
CA CYS A 13 5.27 -0.96 10.15
C CYS A 13 4.39 -2.08 10.73
N LYS A 14 4.04 -1.97 11.98
CA LYS A 14 3.18 -3.01 12.61
C LYS A 14 1.97 -2.34 13.26
N THR A 15 1.52 -1.26 12.69
CA THR A 15 0.34 -0.54 13.27
C THR A 15 -0.95 -1.07 12.64
N ALA A 16 -1.29 -2.31 12.90
CA ALA A 16 -2.54 -2.87 12.31
C ALA A 16 -3.72 -1.98 12.69
N VAL A 17 -4.54 -1.64 11.73
CA VAL A 17 -5.72 -0.78 12.04
C VAL A 17 -6.78 -0.94 10.95
N ASN A 18 -8.02 -0.70 11.27
CA ASN A 18 -9.09 -0.84 10.25
C ASN A 18 -9.04 0.35 9.29
N CYS A 19 -9.44 0.16 8.07
CA CYS A 19 -9.42 1.29 7.10
C CYS A 19 -10.71 2.08 7.21
N SER A 20 -10.85 3.13 6.44
CA SER A 20 -12.10 3.95 6.51
C SER A 20 -12.97 3.66 5.28
N SER A 21 -13.83 4.58 4.93
CA SER A 21 -14.70 4.36 3.73
C SER A 21 -13.89 4.63 2.46
N ASP A 22 -14.39 4.20 1.33
CA ASP A 22 -13.65 4.43 0.07
C ASP A 22 -12.26 3.79 0.16
N PHE A 23 -12.16 2.67 0.83
CA PHE A 23 -10.83 2.00 0.94
C PHE A 23 -11.05 0.52 1.24
N ASP A 24 -10.42 -0.35 0.49
CA ASP A 24 -10.59 -1.80 0.73
C ASP A 24 -9.38 -2.56 0.15
N ALA A 25 -8.90 -2.15 -0.98
CA ALA A 25 -7.72 -2.84 -1.59
C ALA A 25 -6.45 -2.42 -0.86
N CYS A 26 -5.87 -3.29 -0.08
CA CYS A 26 -4.62 -2.90 0.63
C CYS A 26 -3.58 -2.51 -0.41
N LEU A 27 -2.64 -1.68 -0.04
CA LEU A 27 -1.62 -1.26 -1.04
C LEU A 27 -0.21 -1.48 -0.50
N ILE A 28 0.61 -2.17 -1.26
CA ILE A 28 2.02 -2.41 -0.83
C ILE A 28 2.94 -1.92 -1.94
N THR A 29 3.36 -0.68 -1.86
CA THR A 29 4.25 -0.12 -2.91
C THR A 29 5.68 0.00 -2.40
N LYS A 30 6.63 0.02 -3.30
CA LYS A 30 8.05 0.14 -2.88
C LYS A 30 8.79 0.99 -3.91
N ALA A 31 8.78 2.28 -3.75
CA ALA A 31 9.48 3.17 -4.72
C ALA A 31 10.93 3.36 -4.30
N GLY A 32 11.75 2.36 -4.44
CA GLY A 32 13.18 2.50 -4.06
C GLY A 32 13.44 1.76 -2.74
N LEU A 33 14.04 2.42 -1.79
CA LEU A 33 14.34 1.76 -0.49
C LEU A 33 13.23 2.06 0.51
N GLN A 34 12.34 2.96 0.18
CA GLN A 34 11.24 3.30 1.13
C GLN A 34 9.98 2.54 0.75
N VAL A 35 9.31 1.97 1.71
CA VAL A 35 8.06 1.21 1.41
C VAL A 35 6.85 2.13 1.62
N TYR A 36 5.69 1.73 1.16
CA TYR A 36 4.49 2.58 1.33
C TYR A 36 3.30 1.71 1.74
N ASN A 37 3.09 1.54 3.01
CA ASN A 37 1.93 0.70 3.47
C ASN A 37 0.72 1.60 3.72
N LYS A 38 -0.31 1.47 2.94
CA LYS A 38 -1.51 2.32 3.15
C LYS A 38 -2.73 1.68 2.49
N CYS A 39 -3.90 2.07 2.91
CA CYS A 39 -5.14 1.50 2.32
C CYS A 39 -5.38 2.14 0.96
N TRP A 40 -5.81 1.39 -0.01
CA TRP A 40 -6.03 1.98 -1.36
C TRP A 40 -7.21 1.28 -2.03
N LYS A 41 -7.77 1.90 -3.05
CA LYS A 41 -8.92 1.28 -3.76
C LYS A 41 -8.40 0.47 -4.94
N PHE A 42 -9.18 -0.41 -5.48
CA PHE A 42 -8.72 -1.22 -6.64
C PHE A 42 -8.85 -0.39 -7.91
N GLU A 43 -9.78 0.53 -7.94
CA GLU A 43 -9.95 1.37 -9.16
C GLU A 43 -8.78 2.35 -9.27
N HIS A 44 -8.26 2.80 -8.16
CA HIS A 44 -7.13 3.75 -8.19
C HIS A 44 -5.80 2.97 -8.17
N CYS A 45 -5.86 1.69 -8.40
CA CYS A 45 -4.61 0.87 -8.40
C CYS A 45 -4.16 0.64 -9.85
N ASN A 46 -3.62 1.65 -10.47
CA ASN A 46 -3.16 1.48 -11.89
C ASN A 46 -1.82 2.20 -12.07
N PHE A 47 -1.32 2.26 -13.29
CA PHE A 47 -0.03 2.93 -13.54
C PHE A 47 -0.26 4.44 -13.74
N ASN A 48 -0.85 5.10 -12.78
CA ASN A 48 -1.10 6.55 -12.94
C ASN A 48 -1.83 7.09 -11.70
N ASP A 49 -2.71 6.30 -11.13
CA ASP A 49 -3.45 6.78 -9.93
C ASP A 49 -2.54 6.69 -8.69
N VAL A 50 -1.79 5.63 -8.58
CA VAL A 50 -0.88 5.48 -7.40
C VAL A 50 0.45 6.17 -7.69
N THR A 51 0.85 6.23 -8.93
CA THR A 51 2.14 6.89 -9.27
C THR A 51 1.97 8.41 -9.17
N THR A 52 0.75 8.87 -9.06
CA THR A 52 0.53 10.34 -8.96
C THR A 52 0.19 10.72 -7.51
N ARG A 53 -0.62 9.91 -6.85
CA ARG A 53 -0.97 10.22 -5.45
C ARG A 53 0.31 10.28 -4.61
N LEU A 54 1.23 9.41 -4.88
CA LEU A 54 2.51 9.40 -4.12
C LEU A 54 3.52 10.30 -4.83
N ARG A 55 3.18 10.80 -6.00
CA ARG A 55 4.11 11.69 -6.73
C ARG A 55 5.38 10.90 -7.08
N GLU A 56 5.23 9.62 -7.30
CA GLU A 56 6.41 8.78 -7.66
C GLU A 56 6.10 8.02 -8.95
N ASN A 57 6.94 8.12 -9.94
CA ASN A 57 6.68 7.40 -11.22
C ASN A 57 7.23 5.98 -11.14
N GLU A 58 8.50 5.84 -10.85
CA GLU A 58 9.09 4.48 -10.77
C GLU A 58 8.74 3.83 -9.44
N LEU A 59 8.01 2.74 -9.47
CA LEU A 59 7.63 2.06 -8.20
C LEU A 59 6.78 0.83 -8.51
N THR A 60 6.65 -0.06 -7.57
CA THR A 60 5.83 -1.29 -7.80
C THR A 60 4.67 -1.31 -6.80
N TYR A 61 3.49 -0.98 -7.25
CA TYR A 61 2.32 -0.97 -6.33
C TYR A 61 1.53 -2.27 -6.50
N TYR A 62 1.28 -2.98 -5.42
CA TYR A 62 0.51 -4.24 -5.51
C TYR A 62 -0.72 -4.16 -4.60
N CYS A 63 -1.88 -4.10 -5.16
CA CYS A 63 -3.13 -4.02 -4.33
C CYS A 63 -3.54 -5.43 -3.90
N CYS A 64 -4.22 -5.53 -2.78
CA CYS A 64 -4.65 -6.88 -2.31
C CYS A 64 -6.07 -6.79 -1.75
N LYS A 65 -6.67 -7.92 -1.45
CA LYS A 65 -8.05 -7.90 -0.89
C LYS A 65 -8.13 -8.83 0.32
N LYS A 66 -7.09 -8.88 1.10
CA LYS A 66 -7.11 -9.76 2.31
C LYS A 66 -6.78 -8.94 3.55
N ASP A 67 -7.48 -9.16 4.62
CA ASP A 67 -7.20 -8.38 5.86
C ASP A 67 -5.70 -8.41 6.14
N LEU A 68 -5.05 -7.28 6.03
CA LEU A 68 -3.59 -7.23 6.28
C LEU A 68 -2.85 -8.01 5.19
N CYS A 69 -2.94 -7.56 3.97
CA CYS A 69 -2.25 -8.27 2.85
C CYS A 69 -0.84 -7.70 2.70
N ASN A 70 -0.67 -6.44 2.99
CA ASN A 70 0.69 -5.82 2.86
C ASN A 70 1.49 -6.09 4.12
N PHE A 71 1.94 -7.31 4.31
CA PHE A 71 2.74 -7.63 5.52
C PHE A 71 4.22 -7.61 5.17
N ASN A 72 4.58 -6.84 4.19
CA ASN A 72 6.01 -6.77 3.78
C ASN A 72 6.51 -8.16 3.39
N GLU A 73 5.91 -8.77 2.40
CA GLU A 73 6.35 -10.13 1.98
C GLU A 73 5.50 -10.60 0.80
N GLN A 74 5.11 -9.70 -0.06
CA GLN A 74 4.28 -10.09 -1.23
C GLN A 74 5.06 -9.79 -2.52
N LEU A 75 5.16 -8.54 -2.89
CA LEU A 75 5.90 -8.19 -4.12
C LEU A 75 7.35 -8.65 -4.00
N GLU A 76 8.00 -8.30 -2.94
CA GLU A 76 9.43 -8.72 -2.75
C GLU A 76 9.56 -10.20 -3.12
N ASN A 77 10.18 -10.49 -4.23
CA ASN A 77 10.33 -11.91 -4.65
C ASN A 77 8.97 -12.58 -4.72
N LEU A 1 -11.65 -5.46 6.62
CA LEU A 1 -10.33 -5.40 5.92
C LEU A 1 -9.40 -4.44 6.67
N GLN A 2 -8.27 -4.92 7.11
CA GLN A 2 -7.32 -4.04 7.85
C GLN A 2 -6.10 -3.78 6.98
N CYS A 3 -5.37 -2.74 7.27
CA CYS A 3 -4.16 -2.42 6.46
C CYS A 3 -3.07 -1.82 7.36
N TYR A 4 -1.87 -1.76 6.88
CA TYR A 4 -0.76 -1.18 7.69
C TYR A 4 -0.67 0.32 7.45
N ASN A 5 -0.99 1.12 8.43
CA ASN A 5 -0.93 2.59 8.26
C ASN A 5 -0.03 3.20 9.34
N CYS A 6 0.75 4.18 8.99
CA CYS A 6 1.65 4.81 10.00
C CYS A 6 1.82 6.30 9.65
N PRO A 7 2.39 7.04 10.58
CA PRO A 7 2.62 8.48 10.41
C PRO A 7 3.85 8.74 9.53
N ASN A 8 4.61 7.72 9.24
CA ASN A 8 5.82 7.91 8.39
C ASN A 8 5.94 6.75 7.40
N PRO A 9 6.59 7.02 6.29
CA PRO A 9 6.81 6.03 5.24
C PRO A 9 7.93 5.07 5.64
N THR A 10 7.62 4.10 6.44
CA THR A 10 8.66 3.13 6.88
C THR A 10 8.63 1.90 5.96
N ALA A 11 9.54 0.98 6.15
CA ALA A 11 9.56 -0.23 5.29
C ALA A 11 9.24 -1.46 6.15
N ASP A 12 8.37 -1.32 7.12
CA ASP A 12 8.02 -2.49 7.98
C ASP A 12 6.87 -2.11 8.91
N CYS A 13 5.95 -1.30 8.46
CA CYS A 13 4.81 -0.90 9.32
C CYS A 13 4.09 -2.16 9.80
N LYS A 14 3.91 -2.30 11.09
CA LYS A 14 3.21 -3.51 11.61
C LYS A 14 2.10 -3.09 12.57
N THR A 15 1.67 -1.87 12.50
CA THR A 15 0.58 -1.41 13.42
C THR A 15 -0.74 -2.04 12.99
N ALA A 16 -0.87 -2.40 11.74
CA ALA A 16 -2.13 -3.03 11.26
C ALA A 16 -3.33 -2.32 11.88
N VAL A 17 -3.76 -1.22 11.31
CA VAL A 17 -4.92 -0.49 11.88
C VAL A 17 -6.11 -0.60 10.92
N ASN A 18 -7.31 -0.65 11.45
CA ASN A 18 -8.51 -0.75 10.56
C ASN A 18 -8.51 0.42 9.58
N CYS A 19 -9.00 0.21 8.39
CA CYS A 19 -9.02 1.32 7.39
C CYS A 19 -10.40 1.99 7.41
N SER A 20 -10.62 2.94 6.54
CA SER A 20 -11.93 3.65 6.51
C SER A 20 -12.93 2.83 5.71
N SER A 21 -14.09 3.36 5.47
CA SER A 21 -15.11 2.60 4.68
C SER A 21 -14.89 2.85 3.19
N ASP A 22 -14.04 3.77 2.85
CA ASP A 22 -13.78 4.05 1.41
C ASP A 22 -12.44 3.43 1.00
N PHE A 23 -12.13 2.28 1.53
CA PHE A 23 -10.83 1.62 1.18
C PHE A 23 -11.01 0.10 1.18
N ASP A 24 -10.97 -0.52 0.04
CA ASP A 24 -11.13 -1.99 -0.02
C ASP A 24 -9.90 -2.64 -0.64
N ALA A 25 -9.02 -1.86 -1.22
CA ALA A 25 -7.81 -2.44 -1.85
C ALA A 25 -6.56 -1.97 -1.09
N CYS A 26 -6.00 -2.80 -0.26
CA CYS A 26 -4.78 -2.38 0.48
C CYS A 26 -3.70 -2.03 -0.54
N LEU A 27 -2.72 -1.26 -0.14
CA LEU A 27 -1.67 -0.88 -1.12
C LEU A 27 -0.28 -1.13 -0.55
N ILE A 28 0.57 -1.73 -1.32
CA ILE A 28 1.96 -1.99 -0.86
C ILE A 28 2.93 -1.49 -1.93
N THR A 29 3.38 -0.27 -1.80
CA THR A 29 4.30 0.30 -2.83
C THR A 29 5.75 0.20 -2.31
N LYS A 30 6.68 0.04 -3.22
CA LYS A 30 8.11 -0.05 -2.80
C LYS A 30 8.97 0.78 -3.75
N ALA A 31 9.11 2.05 -3.47
CA ALA A 31 9.93 2.92 -4.35
C ALA A 31 11.22 3.31 -3.62
N GLY A 32 12.24 2.52 -3.76
CA GLY A 32 13.53 2.84 -3.07
C GLY A 32 13.80 1.78 -2.00
N LEU A 33 14.21 2.19 -0.84
CA LEU A 33 14.48 1.20 0.25
C LEU A 33 13.38 1.28 1.30
N GLN A 34 12.38 2.09 1.06
CA GLN A 34 11.27 2.22 2.05
C GLN A 34 9.98 1.67 1.44
N VAL A 35 8.92 1.64 2.19
CA VAL A 35 7.63 1.13 1.64
C VAL A 35 6.50 2.10 2.00
N TYR A 36 5.51 2.20 1.16
CA TYR A 36 4.38 3.13 1.46
C TYR A 36 3.15 2.31 1.85
N ASN A 37 3.03 1.97 3.10
CA ASN A 37 1.85 1.17 3.56
C ASN A 37 0.65 2.10 3.71
N LYS A 38 -0.32 1.98 2.83
CA LYS A 38 -1.52 2.86 2.93
C LYS A 38 -2.71 2.18 2.25
N CYS A 39 -3.90 2.59 2.61
CA CYS A 39 -5.11 1.98 1.99
C CYS A 39 -5.33 2.62 0.62
N TRP A 40 -5.80 1.87 -0.34
CA TRP A 40 -6.01 2.46 -1.68
C TRP A 40 -7.21 1.80 -2.37
N LYS A 41 -7.74 2.41 -3.38
CA LYS A 41 -8.91 1.84 -4.09
C LYS A 41 -8.43 0.88 -5.19
N PHE A 42 -9.25 -0.06 -5.57
CA PHE A 42 -8.84 -1.01 -6.64
C PHE A 42 -9.01 -0.33 -8.00
N GLU A 43 -9.88 0.64 -8.07
CA GLU A 43 -10.09 1.35 -9.36
C GLU A 43 -8.90 2.27 -9.62
N HIS A 44 -8.27 2.73 -8.58
CA HIS A 44 -7.10 3.63 -8.75
C HIS A 44 -5.82 2.82 -8.59
N CYS A 45 -5.90 1.53 -8.74
CA CYS A 45 -4.70 0.67 -8.59
C CYS A 45 -4.09 0.38 -9.97
N ASN A 46 -3.46 1.36 -10.56
CA ASN A 46 -2.84 1.15 -11.90
C ASN A 46 -1.52 1.90 -11.99
N PHE A 47 -0.89 1.88 -13.14
CA PHE A 47 0.41 2.60 -13.30
C PHE A 47 0.14 4.06 -13.65
N ASN A 48 -0.54 4.77 -12.79
CA ASN A 48 -0.84 6.20 -13.08
C ASN A 48 -1.67 6.80 -11.93
N ASP A 49 -2.53 6.00 -11.35
CA ASP A 49 -3.38 6.52 -10.23
C ASP A 49 -2.54 6.56 -8.94
N VAL A 50 -1.74 5.56 -8.72
CA VAL A 50 -0.90 5.54 -7.50
C VAL A 50 0.41 6.29 -7.75
N THR A 51 0.96 6.14 -8.92
CA THR A 51 2.24 6.84 -9.23
C THR A 51 1.99 8.35 -9.36
N THR A 52 0.76 8.75 -9.48
CA THR A 52 0.46 10.20 -9.61
C THR A 52 -0.01 10.76 -8.26
N ARG A 53 -0.83 10.03 -7.55
CA ARG A 53 -1.30 10.53 -6.23
C ARG A 53 -0.09 10.66 -5.31
N LEU A 54 0.87 9.78 -5.45
CA LEU A 54 2.08 9.86 -4.60
C LEU A 54 3.15 10.68 -5.32
N ARG A 55 2.91 11.06 -6.54
CA ARG A 55 3.91 11.85 -7.30
C ARG A 55 5.19 11.04 -7.45
N GLU A 56 5.08 9.75 -7.61
CA GLU A 56 6.29 8.91 -7.75
C GLU A 56 6.12 8.00 -8.98
N ASN A 57 7.20 7.55 -9.56
CA ASN A 57 7.09 6.67 -10.76
C ASN A 57 7.80 5.34 -10.48
N GLU A 58 9.10 5.36 -10.35
CA GLU A 58 9.83 4.09 -10.10
C GLU A 58 9.33 3.48 -8.78
N LEU A 59 8.34 2.65 -8.85
CA LEU A 59 7.79 2.03 -7.62
C LEU A 59 6.93 0.81 -7.98
N THR A 60 7.04 -0.24 -7.21
CA THR A 60 6.22 -1.45 -7.51
C THR A 60 4.97 -1.43 -6.62
N TYR A 61 3.89 -0.89 -7.11
CA TYR A 61 2.65 -0.81 -6.28
C TYR A 61 1.80 -2.07 -6.49
N TYR A 62 1.39 -2.70 -5.42
CA TYR A 62 0.55 -3.92 -5.56
C TYR A 62 -0.61 -3.84 -4.56
N CYS A 63 -1.82 -3.87 -5.04
CA CYS A 63 -2.99 -3.78 -4.11
C CYS A 63 -3.47 -5.18 -3.73
N CYS A 64 -4.12 -5.30 -2.60
CA CYS A 64 -4.61 -6.64 -2.16
C CYS A 64 -6.02 -6.49 -1.59
N LYS A 65 -6.58 -7.56 -1.07
CA LYS A 65 -7.95 -7.48 -0.49
C LYS A 65 -8.06 -8.43 0.70
N LYS A 66 -7.03 -8.54 1.49
CA LYS A 66 -7.09 -9.45 2.66
C LYS A 66 -6.68 -8.68 3.92
N ASP A 67 -7.09 -9.16 5.07
CA ASP A 67 -6.73 -8.45 6.33
C ASP A 67 -5.21 -8.38 6.48
N LEU A 68 -4.63 -7.26 6.20
CA LEU A 68 -3.15 -7.12 6.32
C LEU A 68 -2.46 -7.87 5.18
N CYS A 69 -2.59 -7.40 3.97
CA CYS A 69 -1.94 -8.10 2.83
C CYS A 69 -0.55 -7.49 2.59
N ASN A 70 -0.36 -6.25 2.94
CA ASN A 70 0.96 -5.60 2.72
C ASN A 70 1.85 -5.86 3.94
N PHE A 71 2.52 -6.99 3.97
CA PHE A 71 3.40 -7.29 5.13
C PHE A 71 4.76 -7.78 4.63
N ASN A 72 5.25 -7.20 3.56
CA ASN A 72 6.56 -7.64 3.01
C ASN A 72 6.51 -9.13 2.69
N GLU A 73 5.60 -9.54 1.85
CA GLU A 73 5.51 -10.99 1.50
C GLU A 73 4.33 -11.20 0.55
N GLN A 74 4.12 -10.30 -0.37
CA GLN A 74 2.99 -10.46 -1.31
C GLN A 74 3.40 -9.88 -2.68
N LEU A 75 4.66 -9.70 -2.91
CA LEU A 75 5.12 -9.13 -4.21
C LEU A 75 6.25 -9.98 -4.77
N GLU A 76 7.23 -10.30 -3.97
CA GLU A 76 8.36 -11.13 -4.46
C GLU A 76 7.82 -12.34 -5.21
N ASN A 77 8.68 -13.06 -5.88
CA ASN A 77 8.21 -14.26 -6.65
C ASN A 77 9.17 -15.43 -6.41
N LEU A 1 -11.98 -3.67 5.54
CA LEU A 1 -10.65 -4.24 5.24
C LEU A 1 -9.59 -3.59 6.14
N GLN A 2 -8.73 -4.37 6.73
CA GLN A 2 -7.68 -3.80 7.61
C GLN A 2 -6.35 -3.74 6.87
N CYS A 3 -5.48 -2.85 7.26
CA CYS A 3 -4.17 -2.75 6.57
C CYS A 3 -3.14 -2.11 7.52
N TYR A 4 -1.88 -2.27 7.22
CA TYR A 4 -0.83 -1.68 8.10
C TYR A 4 -0.55 -0.24 7.65
N ASN A 5 -1.16 0.72 8.30
CA ASN A 5 -0.92 2.14 7.91
C ASN A 5 0.03 2.80 8.91
N CYS A 6 1.00 3.52 8.43
CA CYS A 6 1.97 4.18 9.36
C CYS A 6 2.10 5.66 8.96
N PRO A 7 2.75 6.41 9.82
CA PRO A 7 2.97 7.85 9.60
C PRO A 7 4.13 8.06 8.62
N ASN A 8 4.94 7.04 8.42
CA ASN A 8 6.08 7.17 7.48
C ASN A 8 6.18 5.90 6.64
N PRO A 9 6.85 6.03 5.51
CA PRO A 9 7.04 4.90 4.58
C PRO A 9 8.13 3.96 5.11
N THR A 10 7.77 3.10 6.02
CA THR A 10 8.77 2.14 6.58
C THR A 10 8.53 0.75 5.98
N ALA A 11 9.51 -0.10 6.05
CA ALA A 11 9.34 -1.48 5.49
C ALA A 11 9.10 -2.48 6.61
N ASP A 12 8.40 -2.07 7.64
CA ASP A 12 8.14 -3.01 8.77
C ASP A 12 7.09 -2.39 9.70
N CYS A 13 6.17 -1.65 9.14
CA CYS A 13 5.13 -1.01 9.98
C CYS A 13 4.21 -2.08 10.57
N LYS A 14 4.09 -2.12 11.87
CA LYS A 14 3.21 -3.15 12.50
C LYS A 14 1.99 -2.47 13.12
N THR A 15 1.60 -1.33 12.59
CA THR A 15 0.40 -0.62 13.13
C THR A 15 -0.86 -1.19 12.49
N ALA A 16 -1.17 -2.42 12.74
CA ALA A 16 -2.40 -3.02 12.13
C ALA A 16 -3.62 -2.19 12.55
N VAL A 17 -4.34 -1.66 11.60
CA VAL A 17 -5.53 -0.85 11.93
C VAL A 17 -6.51 -0.88 10.75
N ASN A 18 -7.79 -0.86 11.02
CA ASN A 18 -8.77 -0.89 9.91
C ASN A 18 -9.01 0.54 9.42
N CYS A 19 -8.89 0.77 8.14
CA CYS A 19 -9.10 2.14 7.60
C CYS A 19 -10.48 2.23 6.94
N SER A 20 -10.72 1.43 5.93
CA SER A 20 -12.04 1.46 5.24
C SER A 20 -12.49 2.92 5.06
N SER A 21 -13.73 3.13 4.75
CA SER A 21 -14.23 4.53 4.56
C SER A 21 -13.78 5.06 3.21
N ASP A 22 -13.01 4.29 2.48
CA ASP A 22 -12.54 4.76 1.14
C ASP A 22 -11.34 3.91 0.70
N PHE A 23 -11.37 2.64 1.00
CA PHE A 23 -10.24 1.76 0.60
C PHE A 23 -10.75 0.32 0.43
N ASP A 24 -10.73 -0.19 -0.77
CA ASP A 24 -11.20 -1.58 -0.99
C ASP A 24 -10.05 -2.43 -1.53
N ALA A 25 -8.85 -1.95 -1.43
CA ALA A 25 -7.68 -2.72 -1.95
C ALA A 25 -6.43 -2.36 -1.15
N CYS A 26 -6.01 -3.22 -0.26
CA CYS A 26 -4.78 -2.91 0.53
C CYS A 26 -3.66 -2.58 -0.46
N LEU A 27 -2.80 -1.65 -0.14
CA LEU A 27 -1.72 -1.31 -1.10
C LEU A 27 -0.34 -1.49 -0.47
N ILE A 28 0.51 -2.22 -1.14
CA ILE A 28 1.89 -2.43 -0.64
C ILE A 28 2.87 -1.97 -1.71
N THR A 29 3.23 -0.72 -1.71
CA THR A 29 4.17 -0.21 -2.74
C THR A 29 5.60 -0.26 -2.20
N LYS A 30 6.56 -0.41 -3.07
CA LYS A 30 7.98 -0.46 -2.61
C LYS A 30 8.88 0.22 -3.64
N ALA A 31 9.04 1.51 -3.53
CA ALA A 31 9.90 2.24 -4.51
C ALA A 31 11.36 1.86 -4.28
N GLY A 32 12.28 2.60 -4.85
CA GLY A 32 13.72 2.27 -4.66
C GLY A 32 14.29 3.12 -3.53
N LEU A 33 13.53 3.36 -2.50
CA LEU A 33 14.04 4.19 -1.37
C LEU A 33 13.33 3.78 -0.08
N GLN A 34 12.03 3.89 -0.04
CA GLN A 34 11.28 3.51 1.20
C GLN A 34 10.05 2.68 0.82
N VAL A 35 9.31 2.23 1.80
CA VAL A 35 8.09 1.42 1.49
C VAL A 35 6.84 2.23 1.84
N TYR A 36 5.78 2.05 1.09
CA TYR A 36 4.53 2.82 1.37
C TYR A 36 3.42 1.84 1.80
N ASN A 37 3.03 1.89 3.04
CA ASN A 37 1.95 0.96 3.50
C ASN A 37 0.67 1.75 3.78
N LYS A 38 -0.21 1.82 2.82
CA LYS A 38 -1.47 2.58 3.02
C LYS A 38 -2.63 1.86 2.34
N CYS A 39 -3.84 2.19 2.72
CA CYS A 39 -5.03 1.55 2.08
C CYS A 39 -5.27 2.22 0.73
N TRP A 40 -5.52 1.46 -0.29
CA TRP A 40 -5.73 2.09 -1.62
C TRP A 40 -7.00 1.51 -2.26
N LYS A 41 -7.65 2.26 -3.10
CA LYS A 41 -8.89 1.76 -3.75
C LYS A 41 -8.52 0.86 -4.92
N PHE A 42 -9.40 -0.02 -5.30
CA PHE A 42 -9.11 -0.92 -6.45
C PHE A 42 -9.31 -0.16 -7.75
N GLU A 43 -10.09 0.89 -7.70
CA GLU A 43 -10.33 1.70 -8.92
C GLU A 43 -9.07 2.48 -9.25
N HIS A 44 -8.33 2.87 -8.25
CA HIS A 44 -7.07 3.63 -8.50
C HIS A 44 -5.89 2.66 -8.40
N CYS A 45 -6.16 1.39 -8.53
CA CYS A 45 -5.05 0.39 -8.44
C CYS A 45 -4.42 0.19 -9.81
N ASN A 46 -3.68 1.17 -10.27
CA ASN A 46 -3.03 1.05 -11.60
C ASN A 46 -1.64 1.69 -11.54
N PHE A 47 -0.86 1.58 -12.57
CA PHE A 47 0.50 2.20 -12.56
C PHE A 47 0.38 3.65 -13.02
N ASN A 48 -0.58 4.37 -12.52
CA ASN A 48 -0.76 5.79 -12.91
C ASN A 48 -1.56 6.50 -11.81
N ASP A 49 -2.59 5.87 -11.33
CA ASP A 49 -3.41 6.49 -10.25
C ASP A 49 -2.63 6.44 -8.94
N VAL A 50 -1.69 5.54 -8.84
CA VAL A 50 -0.89 5.44 -7.58
C VAL A 50 0.31 6.39 -7.67
N THR A 51 0.95 6.45 -8.80
CA THR A 51 2.12 7.36 -8.94
C THR A 51 1.63 8.82 -8.96
N THR A 52 0.34 9.02 -8.97
CA THR A 52 -0.20 10.40 -8.99
C THR A 52 -0.45 10.87 -7.55
N ARG A 53 -1.13 10.07 -6.78
CA ARG A 53 -1.42 10.46 -5.37
C ARG A 53 -0.09 10.46 -4.61
N LEU A 54 0.75 9.50 -4.85
CA LEU A 54 2.07 9.45 -4.16
C LEU A 54 3.00 10.50 -4.78
N ARG A 55 2.60 11.07 -5.89
CA ARG A 55 3.46 12.10 -6.54
C ARG A 55 4.80 11.47 -6.92
N GLU A 56 4.79 10.27 -7.41
CA GLU A 56 6.07 9.61 -7.80
C GLU A 56 5.96 9.03 -9.21
N ASN A 57 6.91 8.25 -9.62
CA ASN A 57 6.87 7.66 -10.98
C ASN A 57 7.98 6.62 -11.11
N GLU A 58 8.07 5.73 -10.17
CA GLU A 58 9.13 4.69 -10.22
C GLU A 58 9.00 3.77 -9.01
N LEU A 59 7.91 3.05 -8.92
CA LEU A 59 7.71 2.15 -7.75
C LEU A 59 6.66 1.09 -8.08
N THR A 60 6.82 -0.10 -7.58
CA THR A 60 5.83 -1.18 -7.85
C THR A 60 4.74 -1.14 -6.77
N TYR A 61 3.50 -1.36 -7.14
CA TYR A 61 2.41 -1.33 -6.14
C TYR A 61 1.57 -2.60 -6.26
N TYR A 62 1.38 -3.31 -5.18
CA TYR A 62 0.56 -4.55 -5.24
C TYR A 62 -0.72 -4.36 -4.44
N CYS A 63 -1.86 -4.46 -5.06
CA CYS A 63 -3.14 -4.28 -4.33
C CYS A 63 -3.59 -5.61 -3.74
N CYS A 64 -4.39 -5.58 -2.71
CA CYS A 64 -4.85 -6.86 -2.10
C CYS A 64 -6.29 -6.69 -1.58
N LYS A 65 -6.88 -7.76 -1.13
CA LYS A 65 -8.27 -7.67 -0.61
C LYS A 65 -8.43 -8.62 0.59
N LYS A 66 -7.37 -8.85 1.31
CA LYS A 66 -7.44 -9.75 2.49
C LYS A 66 -7.10 -8.96 3.76
N ASP A 67 -7.74 -9.29 4.85
CA ASP A 67 -7.46 -8.56 6.12
C ASP A 67 -5.95 -8.48 6.37
N LEU A 68 -5.44 -7.30 6.54
CA LEU A 68 -3.98 -7.14 6.80
C LEU A 68 -3.19 -7.93 5.76
N CYS A 69 -3.53 -7.78 4.50
CA CYS A 69 -2.80 -8.52 3.44
C CYS A 69 -1.44 -7.85 3.19
N ASN A 70 -1.38 -6.55 3.28
CA ASN A 70 -0.09 -5.85 3.04
C ASN A 70 0.90 -6.20 4.16
N PHE A 71 2.01 -6.78 3.81
CA PHE A 71 3.02 -7.15 4.85
C PHE A 71 4.39 -7.24 4.20
N ASN A 72 5.36 -7.79 4.89
CA ASN A 72 6.71 -7.91 4.29
C ASN A 72 6.89 -9.31 3.71
N GLU A 73 6.07 -9.68 2.76
CA GLU A 73 6.18 -11.03 2.16
C GLU A 73 5.36 -11.09 0.88
N GLN A 74 5.30 -10.00 0.15
CA GLN A 74 4.52 -9.99 -1.12
C GLN A 74 5.44 -9.63 -2.29
N LEU A 75 5.88 -8.41 -2.35
CA LEU A 75 6.78 -8.01 -3.47
C LEU A 75 8.24 -8.10 -3.01
N GLU A 76 8.52 -8.93 -2.05
CA GLU A 76 9.92 -9.06 -1.56
C GLU A 76 10.85 -9.27 -2.76
N ASN A 77 12.13 -9.11 -2.56
CA ASN A 77 13.08 -9.30 -3.69
C ASN A 77 13.88 -10.59 -3.48
N LEU A 1 -12.04 -5.34 5.43
CA LEU A 1 -10.73 -5.18 4.72
C LEU A 1 -9.79 -4.33 5.58
N GLN A 2 -8.92 -4.96 6.31
CA GLN A 2 -7.98 -4.19 7.17
C GLN A 2 -6.64 -4.03 6.45
N CYS A 3 -5.92 -3.00 6.77
CA CYS A 3 -4.60 -2.77 6.11
C CYS A 3 -3.61 -2.20 7.12
N TYR A 4 -2.41 -1.93 6.70
CA TYR A 4 -1.40 -1.37 7.65
C TYR A 4 -1.30 0.14 7.47
N ASN A 5 -1.84 0.89 8.39
CA ASN A 5 -1.78 2.38 8.27
C ASN A 5 -0.47 2.88 8.86
N CYS A 6 0.49 3.18 8.03
CA CYS A 6 1.80 3.67 8.53
C CYS A 6 2.04 5.10 8.03
N PRO A 7 2.22 6.01 8.95
CA PRO A 7 2.45 7.43 8.62
C PRO A 7 3.91 7.65 8.21
N ASN A 8 4.71 6.61 8.26
CA ASN A 8 6.15 6.77 7.89
C ASN A 8 6.56 5.68 6.90
N PRO A 9 7.39 6.05 5.95
CA PRO A 9 7.89 5.11 4.92
C PRO A 9 9.02 4.26 5.50
N THR A 10 8.67 3.23 6.21
CA THR A 10 9.71 2.35 6.81
C THR A 10 9.66 0.97 6.16
N ALA A 11 10.70 0.18 6.33
CA ALA A 11 10.71 -1.16 5.71
C ALA A 11 10.40 -2.21 6.79
N ASP A 12 9.54 -1.89 7.71
CA ASP A 12 9.20 -2.87 8.79
C ASP A 12 8.04 -2.31 9.62
N CYS A 13 7.08 -1.70 8.98
CA CYS A 13 5.93 -1.14 9.74
C CYS A 13 5.07 -2.29 10.29
N LYS A 14 4.27 -2.01 11.29
CA LYS A 14 3.42 -3.07 11.87
C LYS A 14 2.15 -2.45 12.47
N THR A 15 1.61 -1.46 11.83
CA THR A 15 0.38 -0.81 12.36
C THR A 15 -0.85 -1.44 11.70
N ALA A 16 -1.41 -2.45 12.30
CA ALA A 16 -2.61 -3.10 11.70
C ALA A 16 -3.88 -2.40 12.21
N VAL A 17 -4.73 -1.98 11.31
CA VAL A 17 -5.98 -1.30 11.74
C VAL A 17 -7.01 -1.38 10.62
N ASN A 18 -8.26 -1.49 10.96
CA ASN A 18 -9.32 -1.57 9.91
C ASN A 18 -9.24 -0.34 9.00
N CYS A 19 -9.91 -0.37 7.89
CA CYS A 19 -9.86 0.81 6.97
C CYS A 19 -11.28 1.26 6.64
N SER A 20 -11.42 2.35 5.96
CA SER A 20 -12.77 2.86 5.61
C SER A 20 -12.63 3.99 4.60
N SER A 21 -13.58 4.88 4.56
CA SER A 21 -13.49 6.02 3.59
C SER A 21 -13.34 5.45 2.17
N ASP A 22 -13.92 4.32 1.91
CA ASP A 22 -13.82 3.72 0.56
C ASP A 22 -12.44 3.06 0.38
N PHE A 23 -11.98 2.35 1.38
CA PHE A 23 -10.66 1.69 1.27
C PHE A 23 -10.83 0.17 1.40
N ASP A 24 -10.96 -0.51 0.28
CA ASP A 24 -11.14 -1.99 0.33
C ASP A 24 -9.94 -2.68 -0.32
N ALA A 25 -8.91 -1.93 -0.62
CA ALA A 25 -7.70 -2.55 -1.25
C ALA A 25 -6.45 -2.07 -0.53
N CYS A 26 -5.89 -2.88 0.33
CA CYS A 26 -4.66 -2.46 1.05
C CYS A 26 -3.57 -2.18 0.02
N LEU A 27 -2.80 -1.15 0.20
CA LEU A 27 -1.76 -0.83 -0.81
C LEU A 27 -0.37 -1.06 -0.22
N ILE A 28 0.41 -1.88 -0.87
CA ILE A 28 1.79 -2.15 -0.39
C ILE A 28 2.78 -1.73 -1.48
N THR A 29 3.15 -0.48 -1.50
CA THR A 29 4.10 0.00 -2.54
C THR A 29 5.52 -0.08 -2.00
N LYS A 30 6.48 -0.30 -2.86
CA LYS A 30 7.89 -0.38 -2.40
C LYS A 30 8.80 0.35 -3.39
N ALA A 31 9.02 1.61 -3.19
CA ALA A 31 9.90 2.38 -4.13
C ALA A 31 11.36 1.98 -3.90
N GLY A 32 12.27 2.78 -4.38
CA GLY A 32 13.72 2.44 -4.19
C GLY A 32 13.96 1.98 -2.75
N LEU A 33 14.19 2.91 -1.86
CA LEU A 33 14.44 2.52 -0.44
C LEU A 33 13.31 3.06 0.45
N GLN A 34 12.36 3.76 -0.13
CA GLN A 34 11.24 4.31 0.67
C GLN A 34 10.01 3.42 0.50
N VAL A 35 9.60 2.75 1.55
CA VAL A 35 8.40 1.86 1.44
C VAL A 35 7.14 2.68 1.73
N TYR A 36 6.00 2.19 1.33
CA TYR A 36 4.73 2.93 1.58
C TYR A 36 3.63 1.96 1.99
N ASN A 37 3.08 2.13 3.15
CA ASN A 37 1.99 1.22 3.61
C ASN A 37 0.73 2.05 3.89
N LYS A 38 -0.06 2.29 2.88
CA LYS A 38 -1.31 3.09 3.08
C LYS A 38 -2.50 2.36 2.48
N CYS A 39 -3.68 2.73 2.88
CA CYS A 39 -4.90 2.08 2.33
C CYS A 39 -5.20 2.65 0.95
N TRP A 40 -5.68 1.86 0.04
CA TRP A 40 -5.96 2.38 -1.32
C TRP A 40 -7.14 1.62 -1.94
N LYS A 41 -7.71 2.16 -2.99
CA LYS A 41 -8.86 1.48 -3.64
C LYS A 41 -8.34 0.62 -4.79
N PHE A 42 -9.14 -0.33 -5.24
CA PHE A 42 -8.71 -1.19 -6.36
C PHE A 42 -8.92 -0.45 -7.68
N GLU A 43 -9.93 0.39 -7.74
CA GLU A 43 -10.17 1.14 -8.99
C GLU A 43 -9.05 2.15 -9.20
N HIS A 44 -8.44 2.59 -8.14
CA HIS A 44 -7.32 3.56 -8.26
C HIS A 44 -5.99 2.81 -8.14
N CYS A 45 -6.00 1.54 -8.39
CA CYS A 45 -4.73 0.76 -8.27
C CYS A 45 -4.15 0.48 -9.66
N ASN A 46 -3.51 1.45 -10.24
CA ASN A 46 -2.91 1.26 -11.59
C ASN A 46 -1.60 2.03 -11.68
N PHE A 47 -1.04 2.17 -12.85
CA PHE A 47 0.24 2.91 -12.98
C PHE A 47 -0.08 4.40 -13.21
N ASN A 48 -1.04 4.92 -12.53
CA ASN A 48 -1.40 6.35 -12.69
C ASN A 48 -2.27 6.79 -11.52
N ASP A 49 -3.21 5.97 -11.12
CA ASP A 49 -4.09 6.35 -9.98
C ASP A 49 -3.29 6.24 -8.67
N VAL A 50 -2.09 5.74 -8.74
CA VAL A 50 -1.27 5.61 -7.49
C VAL A 50 0.10 6.24 -7.73
N THR A 51 0.75 5.91 -8.81
CA THR A 51 2.09 6.49 -9.09
C THR A 51 1.98 8.01 -9.21
N THR A 52 0.79 8.51 -9.45
CA THR A 52 0.63 9.99 -9.58
C THR A 52 0.17 10.59 -8.25
N ARG A 53 -0.69 9.90 -7.55
CA ARG A 53 -1.18 10.43 -6.24
C ARG A 53 0.01 10.57 -5.27
N LEU A 54 0.91 9.63 -5.29
CA LEU A 54 2.07 9.71 -4.38
C LEU A 54 3.13 10.65 -4.97
N ARG A 55 2.92 11.11 -6.18
CA ARG A 55 3.90 12.04 -6.80
C ARG A 55 5.23 11.31 -7.03
N GLU A 56 5.19 10.20 -7.72
CA GLU A 56 6.45 9.44 -7.99
C GLU A 56 6.27 8.63 -9.28
N ASN A 57 7.17 7.72 -9.54
CA ASN A 57 7.05 6.90 -10.78
C ASN A 57 7.91 5.64 -10.65
N GLU A 58 9.10 5.77 -10.13
CA GLU A 58 9.98 4.57 -9.99
C GLU A 58 9.57 3.81 -8.73
N LEU A 59 8.62 2.91 -8.85
CA LEU A 59 8.20 2.13 -7.65
C LEU A 59 7.14 1.10 -8.06
N THR A 60 6.43 0.55 -7.12
CA THR A 60 5.38 -0.45 -7.46
C THR A 60 4.14 -0.18 -6.62
N TYR A 61 3.18 -1.06 -6.68
CA TYR A 61 1.92 -0.85 -5.89
C TYR A 61 1.09 -2.14 -5.92
N TYR A 62 1.24 -2.98 -4.93
CA TYR A 62 0.44 -4.24 -4.93
C TYR A 62 -0.79 -4.07 -4.04
N CYS A 63 -1.96 -4.09 -4.62
CA CYS A 63 -3.20 -3.92 -3.81
C CYS A 63 -3.80 -5.30 -3.52
N CYS A 64 -4.48 -5.45 -2.42
CA CYS A 64 -5.09 -6.77 -2.10
C CYS A 64 -6.32 -6.57 -1.22
N LYS A 65 -7.12 -7.60 -1.07
CA LYS A 65 -8.34 -7.47 -0.22
C LYS A 65 -8.33 -8.55 0.87
N LYS A 66 -7.22 -8.74 1.51
CA LYS A 66 -7.14 -9.78 2.57
C LYS A 66 -6.92 -9.10 3.93
N ASP A 67 -7.44 -9.67 4.98
CA ASP A 67 -7.27 -9.05 6.33
C ASP A 67 -5.78 -8.75 6.57
N LEU A 68 -5.39 -7.52 6.35
CA LEU A 68 -3.97 -7.15 6.58
C LEU A 68 -3.07 -7.93 5.62
N CYS A 69 -3.26 -7.74 4.35
CA CYS A 69 -2.43 -8.49 3.36
C CYS A 69 -1.10 -7.73 3.15
N ASN A 70 -1.10 -6.45 3.38
CA ASN A 70 0.15 -5.65 3.19
C ASN A 70 1.09 -5.88 4.39
N PHE A 71 1.79 -6.97 4.40
CA PHE A 71 2.73 -7.24 5.52
C PHE A 71 4.16 -7.27 4.98
N ASN A 72 4.43 -6.51 3.96
CA ASN A 72 5.80 -6.49 3.39
C ASN A 72 6.27 -7.93 3.14
N GLU A 73 5.77 -8.56 2.13
CA GLU A 73 6.20 -9.96 1.83
C GLU A 73 5.32 -10.54 0.72
N GLN A 74 5.05 -9.76 -0.30
CA GLN A 74 4.20 -10.27 -1.42
C GLN A 74 4.75 -9.75 -2.76
N LEU A 75 5.91 -9.15 -2.74
CA LEU A 75 6.50 -8.62 -4.01
C LEU A 75 7.87 -9.24 -4.24
N GLU A 76 8.49 -9.75 -3.21
CA GLU A 76 9.84 -10.36 -3.36
C GLU A 76 9.98 -11.56 -2.44
N ASN A 77 10.56 -12.62 -2.91
CA ASN A 77 10.73 -13.83 -2.06
C ASN A 77 12.20 -14.23 -2.02
N LEU A 1 -11.91 -5.08 5.44
CA LEU A 1 -10.54 -5.25 4.89
C LEU A 1 -9.55 -4.39 5.70
N GLN A 2 -8.68 -5.01 6.45
CA GLN A 2 -7.70 -4.23 7.25
C GLN A 2 -6.43 -4.00 6.44
N CYS A 3 -5.73 -2.93 6.70
CA CYS A 3 -4.48 -2.65 5.95
C CYS A 3 -3.47 -1.97 6.88
N TYR A 4 -2.23 -1.93 6.48
CA TYR A 4 -1.18 -1.29 7.34
C TYR A 4 -1.03 0.18 6.95
N ASN A 5 -1.56 1.08 7.74
CA ASN A 5 -1.44 2.52 7.41
C ASN A 5 -0.26 3.14 8.19
N CYS A 6 0.64 3.77 7.50
CA CYS A 6 1.81 4.38 8.19
C CYS A 6 2.20 5.68 7.47
N PRO A 7 2.49 6.70 8.24
CA PRO A 7 2.88 8.01 7.70
C PRO A 7 4.34 8.02 7.26
N ASN A 8 5.07 6.97 7.55
CA ASN A 8 6.51 6.93 7.15
C ASN A 8 6.77 5.69 6.30
N PRO A 9 7.66 5.84 5.34
CA PRO A 9 8.05 4.74 4.44
C PRO A 9 9.01 3.78 5.15
N THR A 10 8.49 2.90 5.94
CA THR A 10 9.35 1.94 6.67
C THR A 10 9.16 0.53 6.11
N ALA A 11 10.13 -0.33 6.30
CA ALA A 11 10.00 -1.71 5.77
C ALA A 11 9.68 -2.66 6.93
N ASP A 12 8.91 -2.21 7.88
CA ASP A 12 8.56 -3.08 9.03
C ASP A 12 7.46 -2.42 9.86
N CYS A 13 6.50 -1.82 9.22
CA CYS A 13 5.40 -1.14 9.97
C CYS A 13 4.57 -2.20 10.71
N LYS A 14 3.74 -1.77 11.63
CA LYS A 14 2.90 -2.75 12.38
C LYS A 14 1.62 -2.06 12.86
N THR A 15 1.05 -1.23 12.04
CA THR A 15 -0.20 -0.53 12.45
C THR A 15 -1.39 -1.50 12.39
N ALA A 16 -1.60 -2.12 11.26
CA ALA A 16 -2.71 -3.08 11.13
C ALA A 16 -3.99 -2.47 11.72
N VAL A 17 -4.69 -1.69 10.94
CA VAL A 17 -5.94 -1.05 11.45
C VAL A 17 -7.03 -1.09 10.36
N ASN A 18 -8.26 -1.19 10.75
CA ASN A 18 -9.36 -1.23 9.74
C ASN A 18 -9.32 0.05 8.89
N CYS A 19 -9.19 -0.07 7.61
CA CYS A 19 -9.14 1.14 6.74
C CYS A 19 -10.39 2.00 7.01
N SER A 20 -10.44 3.16 6.42
CA SER A 20 -11.62 4.05 6.64
C SER A 20 -12.72 3.68 5.63
N SER A 21 -13.60 4.60 5.35
CA SER A 21 -14.68 4.30 4.37
C SER A 21 -14.14 4.42 2.95
N ASP A 22 -14.78 3.78 2.00
CA ASP A 22 -14.30 3.86 0.60
C ASP A 22 -12.90 3.23 0.49
N PHE A 23 -12.71 2.09 1.11
CA PHE A 23 -11.38 1.42 1.04
C PHE A 23 -11.56 -0.09 1.12
N ASP A 24 -11.01 -0.82 0.19
CA ASP A 24 -11.17 -2.30 0.22
C ASP A 24 -9.92 -2.98 -0.37
N ALA A 25 -8.86 -2.23 -0.57
CA ALA A 25 -7.62 -2.83 -1.13
C ALA A 25 -6.40 -2.24 -0.41
N CYS A 26 -5.67 -3.06 0.29
CA CYS A 26 -4.47 -2.52 0.99
C CYS A 26 -3.44 -2.15 -0.06
N LEU A 27 -2.57 -1.24 0.25
CA LEU A 27 -1.56 -0.83 -0.76
C LEU A 27 -0.14 -1.03 -0.22
N ILE A 28 0.64 -1.82 -0.90
CA ILE A 28 2.04 -2.06 -0.46
C ILE A 28 2.97 -1.61 -1.57
N THR A 29 3.30 -0.34 -1.59
CA THR A 29 4.20 0.19 -2.66
C THR A 29 5.62 0.30 -2.12
N LYS A 30 6.58 -0.24 -2.83
CA LYS A 30 7.99 -0.15 -2.36
C LYS A 30 8.83 0.57 -3.41
N ALA A 31 8.91 1.88 -3.32
CA ALA A 31 9.71 2.65 -4.31
C ALA A 31 11.13 2.09 -4.35
N GLY A 32 12.03 2.79 -4.99
CA GLY A 32 13.44 2.31 -5.06
C GLY A 32 13.88 1.81 -3.68
N LEU A 33 13.47 2.50 -2.64
CA LEU A 33 13.87 2.07 -1.27
C LEU A 33 12.96 2.77 -0.25
N GLN A 34 11.69 2.88 -0.55
CA GLN A 34 10.76 3.54 0.42
C GLN A 34 9.40 2.84 0.38
N VAL A 35 9.15 1.98 1.33
CA VAL A 35 7.84 1.26 1.35
C VAL A 35 6.71 2.27 1.57
N TYR A 36 5.50 1.89 1.30
CA TYR A 36 4.36 2.83 1.49
C TYR A 36 3.11 2.05 1.88
N ASN A 37 2.93 1.80 3.15
CA ASN A 37 1.72 1.06 3.60
C ASN A 37 0.57 2.04 3.79
N LYS A 38 -0.42 1.99 2.94
CA LYS A 38 -1.57 2.93 3.09
C LYS A 38 -2.84 2.29 2.55
N CYS A 39 -3.98 2.71 3.03
CA CYS A 39 -5.27 2.15 2.55
C CYS A 39 -5.51 2.64 1.12
N TRP A 40 -5.88 1.76 0.23
CA TRP A 40 -6.10 2.20 -1.17
C TRP A 40 -7.28 1.44 -1.79
N LYS A 41 -7.81 1.93 -2.87
CA LYS A 41 -8.96 1.22 -3.52
C LYS A 41 -8.46 0.45 -4.73
N PHE A 42 -9.26 -0.43 -5.27
CA PHE A 42 -8.83 -1.21 -6.46
C PHE A 42 -8.97 -0.37 -7.72
N GLU A 43 -9.86 0.59 -7.70
CA GLU A 43 -10.06 1.44 -8.91
C GLU A 43 -8.86 2.38 -9.06
N HIS A 44 -8.28 2.80 -7.97
CA HIS A 44 -7.11 3.72 -8.06
C HIS A 44 -5.82 2.90 -7.98
N CYS A 45 -5.89 1.62 -8.22
CA CYS A 45 -4.67 0.78 -8.15
C CYS A 45 -4.18 0.49 -9.56
N ASN A 46 -3.56 1.44 -10.20
CA ASN A 46 -3.04 1.22 -11.58
C ASN A 46 -1.65 1.83 -11.70
N PHE A 47 -1.13 1.93 -12.90
CA PHE A 47 0.23 2.53 -13.07
C PHE A 47 0.10 4.03 -13.33
N ASN A 48 -0.68 4.71 -12.53
CA ASN A 48 -0.84 6.18 -12.72
C ASN A 48 -1.68 6.74 -11.57
N ASP A 49 -2.69 6.03 -11.14
CA ASP A 49 -3.53 6.53 -10.02
C ASP A 49 -2.74 6.45 -8.72
N VAL A 50 -1.62 5.79 -8.74
CA VAL A 50 -0.80 5.67 -7.49
C VAL A 50 0.55 6.37 -7.71
N THR A 51 1.08 6.30 -8.89
CA THR A 51 2.40 6.95 -9.17
C THR A 51 2.22 8.47 -9.11
N THR A 52 1.04 8.95 -9.41
CA THR A 52 0.81 10.42 -9.38
C THR A 52 0.22 10.81 -8.02
N ARG A 53 -0.45 9.90 -7.36
CA ARG A 53 -1.05 10.23 -6.05
C ARG A 53 0.07 10.46 -5.03
N LEU A 54 1.06 9.61 -5.04
CA LEU A 54 2.19 9.78 -4.08
C LEU A 54 3.18 10.79 -4.63
N ARG A 55 2.92 11.33 -5.78
CA ARG A 55 3.85 12.33 -6.36
C ARG A 55 5.20 11.66 -6.69
N GLU A 56 5.16 10.43 -7.11
CA GLU A 56 6.44 9.72 -7.44
C GLU A 56 6.34 9.15 -8.85
N ASN A 57 7.19 8.21 -9.16
CA ASN A 57 7.16 7.61 -10.54
C ASN A 57 7.71 6.17 -10.48
N GLU A 58 8.92 6.02 -10.04
CA GLU A 58 9.52 4.65 -9.97
C GLU A 58 9.06 3.96 -8.68
N LEU A 59 8.20 2.98 -8.79
CA LEU A 59 7.72 2.27 -7.57
C LEU A 59 6.82 1.10 -7.98
N THR A 60 6.78 0.07 -7.18
CA THR A 60 5.92 -1.10 -7.50
C THR A 60 4.74 -1.14 -6.53
N TYR A 61 3.61 -0.62 -6.92
CA TYR A 61 2.42 -0.64 -6.03
C TYR A 61 1.68 -1.97 -6.15
N TYR A 62 1.53 -2.68 -5.08
CA TYR A 62 0.81 -3.99 -5.15
C TYR A 62 -0.40 -3.96 -4.21
N CYS A 63 -1.58 -3.80 -4.74
CA CYS A 63 -2.79 -3.76 -3.87
C CYS A 63 -3.30 -5.19 -3.64
N CYS A 64 -3.98 -5.44 -2.57
CA CYS A 64 -4.49 -6.81 -2.30
C CYS A 64 -5.76 -6.73 -1.46
N LYS A 65 -6.48 -7.82 -1.37
CA LYS A 65 -7.74 -7.81 -0.57
C LYS A 65 -7.64 -8.82 0.58
N LYS A 66 -6.47 -9.00 1.12
CA LYS A 66 -6.31 -9.97 2.24
C LYS A 66 -6.16 -9.21 3.56
N ASP A 67 -6.91 -9.58 4.55
CA ASP A 67 -6.81 -8.88 5.86
C ASP A 67 -5.34 -8.68 6.22
N LEU A 68 -4.83 -7.49 6.05
CA LEU A 68 -3.41 -7.23 6.38
C LEU A 68 -2.51 -8.00 5.42
N CYS A 69 -2.53 -7.66 4.16
CA CYS A 69 -1.68 -8.36 3.17
C CYS A 69 -0.39 -7.57 2.95
N ASN A 70 -0.31 -6.38 3.47
CA ASN A 70 0.93 -5.57 3.29
C ASN A 70 1.75 -5.64 4.58
N PHE A 71 2.33 -6.78 4.86
CA PHE A 71 3.15 -6.91 6.10
C PHE A 71 4.52 -7.50 5.76
N ASN A 72 5.16 -7.01 4.75
CA ASN A 72 6.50 -7.56 4.37
C ASN A 72 6.35 -8.98 3.86
N GLU A 73 5.44 -9.21 2.95
CA GLU A 73 5.24 -10.58 2.41
C GLU A 73 4.16 -10.55 1.33
N GLN A 74 4.40 -9.85 0.25
CA GLN A 74 3.39 -9.77 -0.84
C GLN A 74 4.07 -9.36 -2.13
N LEU A 75 4.84 -8.31 -2.10
CA LEU A 75 5.54 -7.85 -3.33
C LEU A 75 6.16 -9.05 -4.04
N GLU A 76 6.85 -9.90 -3.31
CA GLU A 76 7.48 -11.09 -3.94
C GLU A 76 6.38 -12.01 -4.51
N ASN A 77 6.76 -13.10 -5.10
CA ASN A 77 5.74 -14.03 -5.68
C ASN A 77 5.75 -15.34 -4.89
N LEU A 1 -11.98 -5.24 5.86
CA LEU A 1 -10.77 -5.08 5.00
C LEU A 1 -9.73 -4.24 5.73
N GLN A 2 -8.91 -4.87 6.54
CA GLN A 2 -7.87 -4.12 7.29
C GLN A 2 -6.66 -3.89 6.38
N CYS A 3 -5.89 -2.88 6.67
CA CYS A 3 -4.69 -2.61 5.83
C CYS A 3 -3.56 -2.09 6.74
N TYR A 4 -2.42 -1.84 6.19
CA TYR A 4 -1.29 -1.33 7.02
C TYR A 4 -1.02 0.14 6.70
N ASN A 5 -1.31 1.02 7.62
CA ASN A 5 -1.08 2.47 7.36
C ASN A 5 0.02 2.98 8.27
N CYS A 6 0.82 3.90 7.80
CA CYS A 6 1.92 4.47 8.63
C CYS A 6 2.15 5.92 8.25
N PRO A 7 2.65 6.69 9.18
CA PRO A 7 2.93 8.13 8.97
C PRO A 7 4.20 8.32 8.14
N ASN A 8 5.00 7.30 8.01
CA ASN A 8 6.25 7.44 7.21
C ASN A 8 6.52 6.13 6.45
N PRO A 9 7.19 6.25 5.34
CA PRO A 9 7.53 5.09 4.50
C PRO A 9 8.69 4.34 5.13
N THR A 10 8.40 3.51 6.10
CA THR A 10 9.48 2.75 6.78
C THR A 10 9.44 1.29 6.32
N ALA A 11 10.50 0.56 6.55
CA ALA A 11 10.52 -0.87 6.13
C ALA A 11 10.33 -1.75 7.37
N ASP A 12 9.54 -1.31 8.30
CA ASP A 12 9.32 -2.13 9.54
C ASP A 12 8.03 -1.68 10.21
N CYS A 13 7.03 -1.34 9.45
CA CYS A 13 5.74 -0.91 10.07
C CYS A 13 4.98 -2.14 10.58
N LYS A 14 3.95 -1.92 11.34
CA LYS A 14 3.16 -3.06 11.88
C LYS A 14 2.01 -2.53 12.74
N THR A 15 1.49 -1.38 12.39
CA THR A 15 0.37 -0.80 13.18
C THR A 15 -0.92 -1.54 12.85
N ALA A 16 -1.04 -2.06 11.65
CA ALA A 16 -2.28 -2.80 11.28
C ALA A 16 -3.52 -2.06 11.79
N VAL A 17 -4.13 -1.25 10.96
CA VAL A 17 -5.34 -0.51 11.40
C VAL A 17 -6.50 -0.79 10.45
N ASN A 18 -7.71 -0.75 10.94
CA ASN A 18 -8.90 -1.01 10.07
C ASN A 18 -9.01 0.09 9.02
N CYS A 19 -9.64 -0.20 7.91
CA CYS A 19 -9.79 0.84 6.84
C CYS A 19 -11.16 0.66 6.15
N SER A 20 -12.21 1.06 6.80
CA SER A 20 -13.56 0.92 6.20
C SER A 20 -14.22 2.29 6.09
N SER A 21 -14.32 2.82 4.90
CA SER A 21 -14.96 4.16 4.72
C SER A 21 -14.62 4.68 3.32
N ASP A 22 -13.37 4.63 2.95
CA ASP A 22 -12.97 5.10 1.59
C ASP A 22 -11.82 4.23 1.09
N PHE A 23 -11.85 2.97 1.40
CA PHE A 23 -10.76 2.06 0.95
C PHE A 23 -11.35 0.75 0.45
N ASP A 24 -10.67 0.07 -0.43
CA ASP A 24 -11.19 -1.22 -0.95
C ASP A 24 -10.03 -2.08 -1.44
N ALA A 25 -8.84 -1.82 -0.94
CA ALA A 25 -7.66 -2.63 -1.38
C ALA A 25 -6.40 -2.14 -0.68
N CYS A 26 -5.81 -2.95 0.16
CA CYS A 26 -4.57 -2.50 0.86
C CYS A 26 -3.51 -2.21 -0.20
N LEU A 27 -2.53 -1.42 0.13
CA LEU A 27 -1.48 -1.09 -0.87
C LEU A 27 -0.09 -1.36 -0.30
N ILE A 28 0.73 -2.05 -1.06
CA ILE A 28 2.11 -2.35 -0.59
C ILE A 28 3.08 -1.86 -1.67
N THR A 29 3.59 -0.67 -1.52
CA THR A 29 4.52 -0.12 -2.56
C THR A 29 5.97 -0.21 -2.06
N LYS A 30 6.90 -0.26 -2.97
CA LYS A 30 8.33 -0.34 -2.59
C LYS A 30 9.18 0.29 -3.69
N ALA A 31 9.42 1.58 -3.61
CA ALA A 31 10.23 2.25 -4.66
C ALA A 31 11.72 2.10 -4.34
N GLY A 32 12.22 0.89 -4.35
CA GLY A 32 13.66 0.68 -4.04
C GLY A 32 13.81 0.26 -2.58
N LEU A 33 13.94 1.21 -1.70
CA LEU A 33 14.10 0.87 -0.25
C LEU A 33 13.06 1.65 0.58
N GLN A 34 12.04 2.15 -0.07
CA GLN A 34 11.00 2.93 0.67
C GLN A 34 9.66 2.21 0.56
N VAL A 35 9.18 1.67 1.64
CA VAL A 35 7.86 0.97 1.59
C VAL A 35 6.75 1.94 1.97
N TYR A 36 5.70 1.98 1.19
CA TYR A 36 4.59 2.92 1.50
C TYR A 36 3.35 2.11 1.89
N ASN A 37 3.25 1.75 3.14
CA ASN A 37 2.06 0.97 3.60
C ASN A 37 0.89 1.91 3.81
N LYS A 38 -0.11 1.84 2.96
CA LYS A 38 -1.27 2.75 3.13
C LYS A 38 -2.53 2.10 2.51
N CYS A 39 -3.67 2.59 2.86
CA CYS A 39 -4.94 2.03 2.31
C CYS A 39 -5.14 2.55 0.89
N TRP A 40 -5.67 1.75 0.02
CA TRP A 40 -5.87 2.22 -1.38
C TRP A 40 -7.09 1.52 -1.99
N LYS A 41 -7.61 2.04 -3.07
CA LYS A 41 -8.81 1.43 -3.71
C LYS A 41 -8.38 0.55 -4.88
N PHE A 42 -9.27 -0.27 -5.37
CA PHE A 42 -8.95 -1.16 -6.52
C PHE A 42 -9.07 -0.35 -7.82
N GLU A 43 -9.99 0.56 -7.88
CA GLU A 43 -10.16 1.36 -9.11
C GLU A 43 -8.95 2.27 -9.30
N HIS A 44 -8.24 2.55 -8.24
CA HIS A 44 -7.03 3.42 -8.34
C HIS A 44 -5.78 2.52 -8.34
N CYS A 45 -5.94 1.26 -8.61
CA CYS A 45 -4.76 0.34 -8.62
C CYS A 45 -4.21 0.23 -10.04
N ASN A 46 -3.40 1.16 -10.44
CA ASN A 46 -2.82 1.11 -11.81
C ASN A 46 -1.46 1.81 -11.81
N PHE A 47 -0.77 1.81 -12.91
CA PHE A 47 0.55 2.49 -12.96
C PHE A 47 0.34 3.97 -13.29
N ASN A 48 -0.56 4.61 -12.60
CA ASN A 48 -0.82 6.06 -12.86
C ASN A 48 -1.62 6.65 -11.70
N ASP A 49 -2.52 5.89 -11.14
CA ASP A 49 -3.34 6.41 -10.00
C ASP A 49 -2.45 6.55 -8.76
N VAL A 50 -1.67 5.55 -8.45
CA VAL A 50 -0.79 5.63 -7.26
C VAL A 50 0.38 6.57 -7.53
N THR A 51 0.98 6.46 -8.69
CA THR A 51 2.14 7.34 -9.03
C THR A 51 1.68 8.80 -9.06
N THR A 52 0.41 9.04 -9.02
CA THR A 52 -0.08 10.45 -9.06
C THR A 52 -0.44 10.91 -7.64
N ARG A 53 -1.16 10.09 -6.91
CA ARG A 53 -1.54 10.47 -5.52
C ARG A 53 -0.28 10.76 -4.71
N LEU A 54 0.70 9.90 -4.79
CA LEU A 54 1.95 10.13 -4.03
C LEU A 54 2.81 11.15 -4.77
N ARG A 55 2.44 11.49 -5.97
CA ARG A 55 3.23 12.49 -6.75
C ARG A 55 4.59 11.89 -7.12
N GLU A 56 4.62 10.61 -7.38
CA GLU A 56 5.91 9.95 -7.75
C GLU A 56 5.80 9.39 -9.17
N ASN A 57 6.62 8.43 -9.50
CA ASN A 57 6.56 7.84 -10.86
C ASN A 57 7.17 6.44 -10.84
N GLU A 58 8.43 6.33 -10.51
CA GLU A 58 9.09 4.99 -10.47
C GLU A 58 8.83 4.34 -9.12
N LEU A 59 8.07 3.29 -9.08
CA LEU A 59 7.78 2.61 -7.78
C LEU A 59 6.80 1.46 -8.01
N THR A 60 7.08 0.32 -7.44
CA THR A 60 6.16 -0.85 -7.62
C THR A 60 5.00 -0.73 -6.62
N TYR A 61 3.85 -1.26 -6.97
CA TYR A 61 2.69 -1.17 -6.04
C TYR A 61 1.81 -2.41 -6.21
N TYR A 62 1.40 -3.02 -5.12
CA TYR A 62 0.53 -4.22 -5.23
C TYR A 62 -0.68 -4.05 -4.31
N CYS A 63 -1.86 -4.19 -4.85
CA CYS A 63 -3.08 -4.02 -4.00
C CYS A 63 -3.52 -5.38 -3.46
N CYS A 64 -4.22 -5.38 -2.37
CA CYS A 64 -4.68 -6.67 -1.77
C CYS A 64 -6.09 -6.50 -1.22
N LYS A 65 -6.72 -7.57 -0.82
CA LYS A 65 -8.09 -7.47 -0.26
C LYS A 65 -8.26 -8.46 0.90
N LYS A 66 -7.19 -8.72 1.61
CA LYS A 66 -7.27 -9.67 2.75
C LYS A 66 -7.05 -8.91 4.06
N ASP A 67 -7.66 -9.35 5.12
CA ASP A 67 -7.49 -8.66 6.43
C ASP A 67 -5.99 -8.44 6.69
N LEU A 68 -5.52 -7.24 6.50
CA LEU A 68 -4.08 -6.94 6.73
C LEU A 68 -3.22 -7.76 5.75
N CYS A 69 -3.37 -7.52 4.48
CA CYS A 69 -2.57 -8.27 3.48
C CYS A 69 -1.16 -7.67 3.40
N ASN A 70 -1.06 -6.44 2.98
CA ASN A 70 0.29 -5.80 2.88
C ASN A 70 1.11 -6.15 4.12
N PHE A 71 2.36 -6.50 3.93
CA PHE A 71 3.22 -6.84 5.10
C PHE A 71 4.63 -7.18 4.64
N ASN A 72 5.07 -6.56 3.57
CA ASN A 72 6.44 -6.84 3.06
C ASN A 72 6.62 -8.36 2.92
N GLU A 73 5.70 -9.03 2.30
CA GLU A 73 5.82 -10.50 2.14
C GLU A 73 4.98 -10.96 0.95
N GLN A 74 4.94 -10.17 -0.09
CA GLN A 74 4.13 -10.55 -1.29
C GLN A 74 5.02 -10.51 -2.53
N LEU A 75 5.66 -9.40 -2.79
CA LEU A 75 6.54 -9.30 -3.98
C LEU A 75 7.87 -9.99 -3.68
N GLU A 76 8.53 -9.60 -2.62
CA GLU A 76 9.82 -10.23 -2.27
C GLU A 76 9.69 -11.75 -2.35
N ASN A 77 10.79 -12.45 -2.42
CA ASN A 77 10.72 -13.94 -2.50
C ASN A 77 11.29 -14.54 -1.21
N LEU A 1 -11.27 -6.11 5.43
CA LEU A 1 -9.94 -6.71 5.78
C LEU A 1 -9.11 -5.70 6.56
N GLN A 2 -7.95 -6.10 7.00
CA GLN A 2 -7.09 -5.18 7.79
C GLN A 2 -5.82 -4.87 7.00
N CYS A 3 -5.09 -3.88 7.42
CA CYS A 3 -3.83 -3.52 6.70
C CYS A 3 -2.96 -2.65 7.61
N TYR A 4 -1.67 -2.75 7.47
CA TYR A 4 -0.77 -1.94 8.32
C TYR A 4 -0.70 -0.50 7.79
N ASN A 5 -1.47 0.39 8.35
CA ASN A 5 -1.44 1.80 7.88
C ASN A 5 -0.36 2.56 8.64
N CYS A 6 0.17 3.60 8.07
CA CYS A 6 1.24 4.37 8.78
C CYS A 6 1.22 5.82 8.30
N PRO A 7 1.56 6.72 9.20
CA PRO A 7 1.60 8.16 8.91
C PRO A 7 2.88 8.49 8.14
N ASN A 8 3.83 7.59 8.15
CA ASN A 8 5.11 7.84 7.44
C ASN A 8 5.54 6.58 6.69
N PRO A 9 6.35 6.75 5.68
CA PRO A 9 6.84 5.64 4.86
C PRO A 9 7.95 4.88 5.60
N THR A 10 7.56 4.01 6.49
CA THR A 10 8.57 3.23 7.27
C THR A 10 8.79 1.88 6.58
N ALA A 11 9.92 1.27 6.79
CA ALA A 11 10.19 -0.05 6.16
C ALA A 11 9.91 -1.17 7.17
N ASP A 12 8.93 -0.99 8.00
CA ASP A 12 8.61 -2.04 9.02
C ASP A 12 7.39 -1.58 9.84
N CYS A 13 6.39 -1.06 9.18
CA CYS A 13 5.18 -0.59 9.91
C CYS A 13 4.72 -1.68 10.91
N LYS A 14 3.71 -1.39 11.68
CA LYS A 14 3.22 -2.39 12.66
C LYS A 14 2.04 -1.81 13.44
N THR A 15 1.25 -0.98 12.82
CA THR A 15 0.09 -0.38 13.54
C THR A 15 -1.11 -1.34 13.45
N ALA A 16 -1.18 -2.11 12.40
CA ALA A 16 -2.31 -3.07 12.25
C ALA A 16 -3.64 -2.37 12.56
N VAL A 17 -4.33 -1.93 11.55
CA VAL A 17 -5.64 -1.25 11.80
C VAL A 17 -6.58 -1.50 10.61
N ASN A 18 -7.85 -1.56 10.87
CA ASN A 18 -8.82 -1.81 9.75
C ASN A 18 -8.91 -0.56 8.86
N CYS A 19 -8.64 -0.70 7.60
CA CYS A 19 -8.71 0.47 6.69
C CYS A 19 -10.14 1.03 6.72
N SER A 20 -10.31 2.19 7.30
CA SER A 20 -11.67 2.78 7.37
C SER A 20 -11.68 4.18 6.74
N SER A 21 -11.77 4.25 5.44
CA SER A 21 -11.77 5.58 4.76
C SER A 21 -12.04 5.38 3.27
N ASP A 22 -13.11 4.72 2.93
CA ASP A 22 -13.43 4.48 1.50
C ASP A 22 -12.28 3.71 0.85
N PHE A 23 -12.07 2.49 1.23
CA PHE A 23 -10.96 1.69 0.63
C PHE A 23 -11.51 0.38 0.06
N ASP A 24 -11.37 0.18 -1.22
CA ASP A 24 -11.87 -1.07 -1.84
C ASP A 24 -10.69 -1.95 -2.24
N ALA A 25 -9.50 -1.53 -1.91
CA ALA A 25 -8.30 -2.34 -2.28
C ALA A 25 -7.10 -1.88 -1.46
N CYS A 26 -6.58 -2.73 -0.61
CA CYS A 26 -5.39 -2.32 0.19
C CYS A 26 -4.24 -2.03 -0.76
N LEU A 27 -3.25 -1.33 -0.31
CA LEU A 27 -2.12 -1.02 -1.24
C LEU A 27 -0.78 -1.18 -0.52
N ILE A 28 0.13 -1.88 -1.15
CA ILE A 28 1.48 -2.07 -0.56
C ILE A 28 2.52 -1.71 -1.64
N THR A 29 3.03 -0.51 -1.60
CA THR A 29 4.01 -0.08 -2.62
C THR A 29 5.42 -0.08 -2.04
N LYS A 30 6.25 -1.00 -2.43
CA LYS A 30 7.63 -1.04 -1.91
C LYS A 30 8.57 -0.40 -2.92
N ALA A 31 8.61 0.90 -2.95
CA ALA A 31 9.49 1.61 -3.93
C ALA A 31 10.94 1.16 -3.72
N GLY A 32 11.83 1.58 -4.58
CA GLY A 32 13.25 1.18 -4.45
C GLY A 32 13.96 2.13 -3.48
N LEU A 33 13.40 2.34 -2.32
CA LEU A 33 14.05 3.26 -1.34
C LEU A 33 13.29 3.20 -0.02
N GLN A 34 11.98 3.21 -0.06
CA GLN A 34 11.19 3.15 1.19
C GLN A 34 9.95 2.29 0.97
N VAL A 35 9.20 2.04 2.01
CA VAL A 35 7.97 1.21 1.87
C VAL A 35 6.74 2.10 1.99
N TYR A 36 5.62 1.67 1.49
CA TYR A 36 4.39 2.51 1.58
C TYR A 36 3.18 1.63 1.91
N ASN A 37 2.93 1.40 3.17
CA ASN A 37 1.76 0.56 3.55
C ASN A 37 0.56 1.47 3.80
N LYS A 38 -0.33 1.56 2.85
CA LYS A 38 -1.51 2.46 3.03
C LYS A 38 -2.72 1.86 2.29
N CYS A 39 -3.90 2.21 2.73
CA CYS A 39 -5.12 1.70 2.05
C CYS A 39 -5.29 2.43 0.72
N TRP A 40 -5.94 1.82 -0.23
CA TRP A 40 -6.10 2.51 -1.54
C TRP A 40 -7.42 2.07 -2.20
N LYS A 41 -7.87 2.81 -3.17
CA LYS A 41 -9.14 2.44 -3.85
C LYS A 41 -8.86 1.50 -5.02
N PHE A 42 -9.85 0.78 -5.47
CA PHE A 42 -9.63 -0.15 -6.62
C PHE A 42 -9.65 0.64 -7.93
N GLU A 43 -10.37 1.74 -7.94
CA GLU A 43 -10.44 2.55 -9.19
C GLU A 43 -9.15 3.35 -9.35
N HIS A 44 -8.42 3.54 -8.28
CA HIS A 44 -7.16 4.31 -8.38
C HIS A 44 -5.98 3.34 -8.30
N CYS A 45 -6.23 2.08 -8.52
CA CYS A 45 -5.12 1.08 -8.46
C CYS A 45 -4.57 0.85 -9.87
N ASN A 46 -3.80 1.77 -10.37
CA ASN A 46 -3.23 1.61 -11.74
C ASN A 46 -1.78 2.12 -11.76
N PHE A 47 -1.19 2.21 -12.92
CA PHE A 47 0.21 2.69 -12.99
C PHE A 47 0.22 4.22 -13.06
N ASN A 48 -0.92 4.84 -12.95
CA ASN A 48 -0.97 6.33 -12.99
C ASN A 48 -1.82 6.85 -11.83
N ASP A 49 -2.84 6.12 -11.45
CA ASP A 49 -3.70 6.57 -10.31
C ASP A 49 -2.90 6.47 -9.01
N VAL A 50 -1.72 5.93 -9.05
CA VAL A 50 -0.92 5.82 -7.81
C VAL A 50 0.43 6.52 -7.99
N THR A 51 1.17 6.16 -9.01
CA THR A 51 2.49 6.81 -9.23
C THR A 51 2.31 8.33 -9.31
N THR A 52 1.12 8.79 -9.59
CA THR A 52 0.89 10.25 -9.68
C THR A 52 0.41 10.77 -8.33
N ARG A 53 -0.35 9.99 -7.61
CA ARG A 53 -0.85 10.44 -6.28
C ARG A 53 0.34 10.60 -5.34
N LEU A 54 1.12 9.57 -5.18
CA LEU A 54 2.30 9.64 -4.30
C LEU A 54 3.38 10.50 -4.96
N ARG A 55 3.16 10.91 -6.18
CA ARG A 55 4.18 11.75 -6.88
C ARG A 55 5.44 10.92 -7.13
N GLU A 56 5.26 9.64 -7.35
CA GLU A 56 6.44 8.77 -7.61
C GLU A 56 6.31 8.13 -8.99
N ASN A 57 7.12 7.14 -9.28
CA ASN A 57 7.04 6.47 -10.61
C ASN A 57 7.78 5.14 -10.56
N GLU A 58 8.91 5.11 -9.90
CA GLU A 58 9.68 3.85 -9.80
C GLU A 58 9.20 3.05 -8.59
N LEU A 59 8.06 2.43 -8.69
CA LEU A 59 7.53 1.65 -7.53
C LEU A 59 6.70 0.47 -8.05
N THR A 60 6.36 -0.44 -7.18
CA THR A 60 5.55 -1.62 -7.59
C THR A 60 4.29 -1.69 -6.74
N TYR A 61 3.38 -0.79 -6.96
CA TYR A 61 2.12 -0.78 -6.16
C TYR A 61 1.39 -2.12 -6.30
N TYR A 62 1.12 -2.77 -5.20
CA TYR A 62 0.40 -4.08 -5.27
C TYR A 62 -0.88 -4.00 -4.45
N CYS A 63 -2.01 -3.89 -5.11
CA CYS A 63 -3.30 -3.81 -4.36
C CYS A 63 -3.67 -5.19 -3.81
N CYS A 64 -4.42 -5.24 -2.75
CA CYS A 64 -4.81 -6.56 -2.17
C CYS A 64 -6.18 -6.46 -1.51
N LYS A 65 -6.59 -7.49 -0.81
CA LYS A 65 -7.92 -7.46 -0.14
C LYS A 65 -7.97 -8.59 0.88
N LYS A 66 -6.92 -8.79 1.63
CA LYS A 66 -6.92 -9.89 2.64
C LYS A 66 -6.43 -9.35 3.99
N ASP A 67 -6.71 -10.07 5.05
CA ASP A 67 -6.28 -9.60 6.40
C ASP A 67 -4.78 -9.32 6.40
N LEU A 68 -4.41 -8.09 6.62
CA LEU A 68 -2.97 -7.73 6.66
C LEU A 68 -2.25 -8.27 5.41
N CYS A 69 -2.81 -8.07 4.26
CA CYS A 69 -2.14 -8.58 3.02
C CYS A 69 -0.90 -7.74 2.74
N ASN A 70 -0.85 -6.53 3.23
CA ASN A 70 0.34 -5.68 2.98
C ASN A 70 1.34 -5.84 4.13
N PHE A 71 1.93 -7.00 4.24
CA PHE A 71 2.91 -7.23 5.35
C PHE A 71 4.33 -7.15 4.78
N ASN A 72 4.54 -6.32 3.80
CA ASN A 72 5.91 -6.20 3.20
C ASN A 72 6.50 -7.59 3.00
N GLU A 73 6.04 -8.30 2.01
CA GLU A 73 6.57 -9.67 1.76
C GLU A 73 5.74 -10.34 0.66
N GLN A 74 5.29 -9.59 -0.30
CA GLN A 74 4.48 -10.20 -1.40
C GLN A 74 5.28 -10.21 -2.70
N LEU A 75 5.40 -9.08 -3.33
CA LEU A 75 6.18 -9.03 -4.62
C LEU A 75 7.61 -9.51 -4.35
N GLU A 76 8.12 -9.29 -3.18
CA GLU A 76 9.51 -9.72 -2.87
C GLU A 76 10.50 -8.95 -3.75
N ASN A 77 11.07 -7.91 -3.23
CA ASN A 77 12.05 -7.11 -4.04
C ASN A 77 13.41 -7.10 -3.33
N LEU A 1 -11.63 -5.66 4.94
CA LEU A 1 -10.21 -6.10 4.82
C LEU A 1 -9.29 -5.05 5.45
N GLN A 2 -8.73 -5.34 6.60
CA GLN A 2 -7.82 -4.37 7.26
C GLN A 2 -6.57 -4.19 6.41
N CYS A 3 -5.84 -3.14 6.67
CA CYS A 3 -4.60 -2.88 5.88
C CYS A 3 -3.58 -2.17 6.76
N TYR A 4 -2.32 -2.42 6.55
CA TYR A 4 -1.27 -1.75 7.38
C TYR A 4 -1.20 -0.27 6.99
N ASN A 5 -1.14 0.60 7.98
CA ASN A 5 -1.07 2.06 7.67
C ASN A 5 0.28 2.62 8.14
N CYS A 6 0.76 3.63 7.48
CA CYS A 6 2.07 4.22 7.89
C CYS A 6 2.46 5.32 6.89
N PRO A 7 2.33 6.56 7.30
CA PRO A 7 2.67 7.72 6.45
C PRO A 7 4.18 7.91 6.40
N ASN A 8 4.91 7.15 7.16
CA ASN A 8 6.40 7.29 7.15
C ASN A 8 7.00 6.14 6.34
N PRO A 9 8.00 6.45 5.55
CA PRO A 9 8.68 5.44 4.72
C PRO A 9 9.62 4.60 5.58
N THR A 10 9.08 3.61 6.24
CA THR A 10 9.93 2.74 7.10
C THR A 10 9.73 1.28 6.70
N ALA A 11 10.72 0.46 6.94
CA ALA A 11 10.59 -0.98 6.57
C ALA A 11 10.31 -1.80 7.84
N ASP A 12 9.50 -1.27 8.73
CA ASP A 12 9.19 -2.00 9.97
C ASP A 12 7.87 -1.50 10.55
N CYS A 13 6.95 -1.13 9.69
CA CYS A 13 5.63 -0.63 10.18
C CYS A 13 4.82 -1.80 10.75
N LYS A 14 4.13 -1.59 11.83
CA LYS A 14 3.33 -2.68 12.43
C LYS A 14 2.06 -2.10 13.07
N THR A 15 1.42 -1.19 12.40
CA THR A 15 0.18 -0.58 12.96
C THR A 15 -1.02 -0.95 12.08
N ALA A 16 -1.41 -2.19 12.08
CA ALA A 16 -2.57 -2.60 11.24
C ALA A 16 -3.82 -1.84 11.70
N VAL A 17 -4.64 -1.43 10.77
CA VAL A 17 -5.88 -0.69 11.16
C VAL A 17 -7.02 -1.09 10.23
N ASN A 18 -8.24 -1.00 10.69
CA ASN A 18 -9.40 -1.38 9.83
C ASN A 18 -9.94 -0.12 9.14
N CYS A 19 -9.66 0.03 7.87
CA CYS A 19 -10.16 1.22 7.14
C CYS A 19 -11.68 1.17 7.05
N SER A 20 -12.33 2.30 7.01
CA SER A 20 -13.82 2.30 6.92
C SER A 20 -14.27 3.50 6.09
N SER A 21 -15.09 3.28 5.10
CA SER A 21 -15.57 4.40 4.25
C SER A 21 -14.39 5.27 3.84
N ASP A 22 -13.43 4.71 3.15
CA ASP A 22 -12.25 5.53 2.72
C ASP A 22 -11.17 4.60 2.16
N PHE A 23 -11.56 3.55 1.49
CA PHE A 23 -10.55 2.62 0.91
C PHE A 23 -11.26 1.47 0.19
N ASP A 24 -10.51 0.59 -0.43
CA ASP A 24 -11.13 -0.56 -1.14
C ASP A 24 -10.04 -1.55 -1.57
N ALA A 25 -8.94 -1.59 -0.85
CA ALA A 25 -7.85 -2.53 -1.21
C ALA A 25 -6.57 -2.10 -0.50
N CYS A 26 -5.97 -2.98 0.26
CA CYS A 26 -4.71 -2.60 0.95
C CYS A 26 -3.64 -2.33 -0.10
N LEU A 27 -2.72 -1.45 0.19
CA LEU A 27 -1.68 -1.15 -0.83
C LEU A 27 -0.29 -1.40 -0.27
N ILE A 28 0.47 -2.22 -0.93
CA ILE A 28 1.86 -2.51 -0.47
C ILE A 28 2.83 -2.04 -1.55
N THR A 29 3.29 -0.81 -1.46
CA THR A 29 4.23 -0.29 -2.49
C THR A 29 5.65 -0.30 -1.95
N LYS A 30 6.61 -0.35 -2.83
CA LYS A 30 8.04 -0.36 -2.39
C LYS A 30 8.89 0.40 -3.40
N ALA A 31 9.07 1.67 -3.22
CA ALA A 31 9.88 2.47 -4.18
C ALA A 31 11.35 2.47 -3.75
N GLY A 32 11.99 1.34 -3.79
CA GLY A 32 13.43 1.28 -3.39
C GLY A 32 13.54 0.94 -1.91
N LEU A 33 14.02 1.84 -1.10
CA LEU A 33 14.16 1.56 0.35
C LEU A 33 13.10 2.34 1.13
N GLN A 34 11.96 2.58 0.53
CA GLN A 34 10.89 3.34 1.24
C GLN A 34 9.55 2.64 1.04
N VAL A 35 9.18 1.78 1.95
CA VAL A 35 7.88 1.07 1.81
C VAL A 35 6.74 2.05 2.09
N TYR A 36 5.63 1.91 1.41
CA TYR A 36 4.50 2.85 1.65
C TYR A 36 3.26 2.07 2.08
N ASN A 37 3.12 1.82 3.35
CA ASN A 37 1.92 1.07 3.83
C ASN A 37 0.74 2.05 3.94
N LYS A 38 -0.26 1.89 3.11
CA LYS A 38 -1.42 2.82 3.18
C LYS A 38 -2.67 2.15 2.61
N CYS A 39 -3.82 2.65 2.98
CA CYS A 39 -5.09 2.07 2.47
C CYS A 39 -5.31 2.60 1.05
N TRP A 40 -5.73 1.76 0.14
CA TRP A 40 -5.94 2.23 -1.25
C TRP A 40 -7.20 1.59 -1.83
N LYS A 41 -7.77 2.19 -2.85
CA LYS A 41 -9.00 1.62 -3.46
C LYS A 41 -8.61 0.75 -4.67
N PHE A 42 -9.54 -0.03 -5.17
CA PHE A 42 -9.23 -0.89 -6.33
C PHE A 42 -9.32 -0.06 -7.61
N GLU A 43 -10.18 0.92 -7.64
CA GLU A 43 -10.31 1.76 -8.85
C GLU A 43 -9.03 2.58 -9.04
N HIS A 44 -8.36 2.90 -7.96
CA HIS A 44 -7.11 3.70 -8.09
C HIS A 44 -5.90 2.76 -8.08
N CYS A 45 -6.14 1.49 -8.29
CA CYS A 45 -5.00 0.52 -8.31
C CYS A 45 -4.43 0.42 -9.72
N ASN A 46 -4.01 1.52 -10.28
CA ASN A 46 -3.43 1.50 -11.65
C ASN A 46 -1.99 2.03 -11.61
N PHE A 47 -1.24 1.78 -12.65
CA PHE A 47 0.17 2.27 -12.66
C PHE A 47 0.19 3.79 -12.78
N ASN A 48 -0.95 4.39 -12.98
CA ASN A 48 -1.00 5.88 -13.10
C ASN A 48 -1.68 6.48 -11.87
N ASP A 49 -2.72 5.85 -11.39
CA ASP A 49 -3.44 6.40 -10.20
C ASP A 49 -2.56 6.21 -8.95
N VAL A 50 -1.49 5.49 -9.07
CA VAL A 50 -0.59 5.27 -7.90
C VAL A 50 0.67 6.12 -8.05
N THR A 51 1.26 6.13 -9.22
CA THR A 51 2.49 6.93 -9.42
C THR A 51 2.14 8.43 -9.35
N THR A 52 0.89 8.76 -9.27
CA THR A 52 0.49 10.19 -9.19
C THR A 52 -0.04 10.51 -7.80
N ARG A 53 -0.83 9.65 -7.24
CA ARG A 53 -1.35 9.91 -5.88
C ARG A 53 -0.16 10.10 -4.95
N LEU A 54 0.87 9.31 -5.13
CA LEU A 54 2.08 9.45 -4.28
C LEU A 54 2.98 10.52 -4.87
N ARG A 55 2.75 10.91 -6.10
CA ARG A 55 3.60 11.95 -6.74
C ARG A 55 4.96 11.37 -7.05
N GLU A 56 5.02 10.11 -7.41
CA GLU A 56 6.33 9.48 -7.73
C GLU A 56 6.21 8.74 -9.07
N ASN A 57 7.12 7.87 -9.36
CA ASN A 57 7.05 7.13 -10.65
C ASN A 57 7.46 5.67 -10.44
N GLU A 58 8.72 5.43 -10.21
CA GLU A 58 9.18 4.02 -10.00
C GLU A 58 8.72 3.53 -8.62
N LEU A 59 7.79 2.64 -8.57
CA LEU A 59 7.31 2.12 -7.26
C LEU A 59 6.33 0.97 -7.48
N THR A 60 6.78 -0.24 -7.31
CA THR A 60 5.88 -1.41 -7.50
C THR A 60 4.76 -1.35 -6.46
N TYR A 61 3.53 -1.43 -6.90
CA TYR A 61 2.39 -1.38 -5.94
C TYR A 61 1.53 -2.64 -6.08
N TYR A 62 1.22 -3.30 -5.01
CA TYR A 62 0.38 -4.53 -5.10
C TYR A 62 -0.86 -4.37 -4.21
N CYS A 63 -2.01 -4.23 -4.81
CA CYS A 63 -3.26 -4.08 -4.02
C CYS A 63 -3.71 -5.45 -3.51
N CYS A 64 -4.35 -5.49 -2.37
CA CYS A 64 -4.81 -6.80 -1.83
C CYS A 64 -6.09 -6.60 -1.01
N LYS A 65 -6.58 -7.64 -0.40
CA LYS A 65 -7.82 -7.50 0.40
C LYS A 65 -8.03 -8.78 1.23
N LYS A 66 -6.96 -9.45 1.57
CA LYS A 66 -7.08 -10.69 2.37
C LYS A 66 -6.82 -10.40 3.83
N ASP A 67 -7.15 -9.21 4.25
CA ASP A 67 -6.92 -8.82 5.68
C ASP A 67 -5.42 -8.78 5.96
N LEU A 68 -4.86 -7.60 6.06
CA LEU A 68 -3.40 -7.48 6.33
C LEU A 68 -2.62 -8.25 5.27
N CYS A 69 -3.05 -8.20 4.04
CA CYS A 69 -2.36 -8.92 2.95
C CYS A 69 -1.26 -8.02 2.37
N ASN A 70 -1.21 -6.79 2.78
CA ASN A 70 -0.17 -5.87 2.23
C ASN A 70 1.00 -5.78 3.22
N PHE A 71 1.85 -6.77 3.24
CA PHE A 71 3.01 -6.75 4.17
C PHE A 71 4.28 -6.52 3.37
N ASN A 72 5.43 -6.70 3.98
CA ASN A 72 6.71 -6.49 3.24
C ASN A 72 7.21 -7.82 2.68
N GLU A 73 6.40 -8.49 1.90
CA GLU A 73 6.81 -9.79 1.32
C GLU A 73 5.81 -10.21 0.24
N GLN A 74 5.30 -9.27 -0.50
CA GLN A 74 4.31 -9.60 -1.55
C GLN A 74 4.95 -9.43 -2.94
N LEU A 75 5.76 -8.43 -3.11
CA LEU A 75 6.40 -8.22 -4.44
C LEU A 75 7.92 -8.08 -4.28
N GLU A 76 8.40 -8.04 -3.07
CA GLU A 76 9.86 -7.91 -2.86
C GLU A 76 10.48 -9.29 -2.64
N ASN A 77 11.10 -9.84 -3.64
CA ASN A 77 11.72 -11.19 -3.49
C ASN A 77 13.16 -11.04 -3.01
#